data_8F9A
#
_entry.id   8F9A
#
_cell.length_a   101.730
_cell.length_b   101.730
_cell.length_c   321.600
_cell.angle_alpha   90.00
_cell.angle_beta   90.00
_cell.angle_gamma   120.00
#
_symmetry.space_group_name_H-M   'P 61'
#
loop_
_entity.id
_entity.type
_entity.pdbx_description
1 polymer Procaspase-6
2 non-polymer 5-fluoro-2-({[(3M)-3-(1,2-oxazol-3-yl)pyridin-2-yl]amino}methyl)phenol
3 water water
#
_entity_poly.entity_id   1
_entity_poly.type   'polypeptide(L)'
_entity_poly.pdbx_seq_one_letter_code
;MSSASGLRRGHPAGGEENMTETDAFYKREMFDPAEKYKMDHRRRGIALIFNHERFFWHLTLPERRGTCADRDNLTRRFSD
LGFEVKCFNDLKAEELLLKIHEVSTVSHADADCFVCVFLSHGEGNHIYAYDAKIEIQTLTGLFKGDKCHSLVGKPKIFII
QAARGNQHDVPVIPLDVVDNQTEKLDTNITEVDAASVYTLPAGADFLMCYSVAEGYYSHRETVNGSWYIQDLCEMLGKYG
SSLEFTELLTLVNRKVSQRRVDFCKDPSAIGKKQVPCFASMLTKKLHFFPKSNENLYFQ
;
_entity_poly.pdbx_strand_id   A,B,C,D
#
# COMPACT_ATOMS: atom_id res chain seq x y z
N MET A 30 9.41 -5.53 43.12
CA MET A 30 10.54 -6.42 42.73
C MET A 30 10.31 -6.94 41.30
N PHE A 31 10.72 -6.14 40.29
CA PHE A 31 10.79 -6.48 38.83
C PHE A 31 11.87 -7.55 38.54
N ASP A 32 11.52 -8.57 37.75
CA ASP A 32 12.28 -9.85 37.65
C ASP A 32 12.67 -10.10 36.19
N PRO A 33 13.98 -10.10 35.86
CA PRO A 33 14.40 -10.29 34.47
C PRO A 33 14.15 -11.69 33.93
N ALA A 34 13.77 -12.64 34.77
CA ALA A 34 13.62 -14.07 34.41
C ALA A 34 12.15 -14.49 34.54
N GLU A 35 11.24 -13.52 34.64
CA GLU A 35 9.78 -13.81 34.73
C GLU A 35 9.39 -14.69 33.53
N LYS A 36 8.70 -15.79 33.83
CA LYS A 36 8.07 -16.72 32.85
C LYS A 36 6.56 -16.46 32.81
N TYR A 37 5.93 -16.62 31.65
CA TYR A 37 4.44 -16.70 31.58
C TYR A 37 4.02 -17.82 32.56
N LYS A 38 2.96 -17.60 33.32
CA LYS A 38 2.31 -18.60 34.21
C LYS A 38 1.77 -19.74 33.32
N MET A 39 2.40 -20.92 33.33
CA MET A 39 2.01 -22.05 32.45
C MET A 39 1.59 -23.29 33.29
N ASP A 40 0.87 -23.05 34.39
CA ASP A 40 0.45 -24.05 35.40
C ASP A 40 -1.08 -24.11 35.49
N HIS A 41 -1.81 -23.71 34.44
CA HIS A 41 -3.29 -23.84 34.36
C HIS A 41 -3.66 -25.31 34.09
N ARG A 42 -4.95 -25.63 34.25
CA ARG A 42 -5.43 -27.03 34.11
C ARG A 42 -5.07 -27.56 32.71
N ARG A 43 -5.42 -26.84 31.63
CA ARG A 43 -5.18 -27.27 30.23
C ARG A 43 -4.12 -26.34 29.61
N ARG A 44 -3.35 -26.84 28.63
CA ARG A 44 -2.38 -26.01 27.86
C ARG A 44 -3.14 -24.96 27.05
N GLY A 45 -4.17 -25.40 26.31
CA GLY A 45 -5.08 -24.54 25.54
C GLY A 45 -5.31 -25.09 24.13
N ILE A 46 -6.00 -24.34 23.29
CA ILE A 46 -6.35 -24.76 21.91
C ILE A 46 -5.23 -24.35 20.94
N ALA A 47 -4.92 -25.23 19.98
CA ALA A 47 -4.19 -24.92 18.72
C ALA A 47 -5.14 -25.09 17.53
N LEU A 48 -5.69 -24.01 16.99
CA LEU A 48 -6.38 -24.01 15.67
C LEU A 48 -5.37 -24.24 14.56
N ILE A 49 -5.70 -25.09 13.59
CA ILE A 49 -4.91 -25.21 12.33
C ILE A 49 -5.89 -25.12 11.15
N PHE A 50 -5.78 -24.04 10.40
CA PHE A 50 -6.53 -23.84 9.14
C PHE A 50 -5.60 -24.29 7.99
N ASN A 51 -6.01 -25.34 7.31
CA ASN A 51 -5.18 -26.03 6.29
C ASN A 51 -5.87 -25.94 4.94
N HIS A 52 -5.23 -25.29 3.97
CA HIS A 52 -5.80 -24.94 2.65
C HIS A 52 -4.92 -25.55 1.56
N GLU A 53 -5.46 -26.54 0.85
CA GLU A 53 -4.78 -27.32 -0.22
C GLU A 53 -5.27 -26.86 -1.59
N ARG A 54 -6.57 -26.57 -1.71
CA ARG A 54 -7.27 -26.30 -2.99
C ARG A 54 -8.09 -25.03 -2.80
N PHE A 55 -8.47 -24.38 -3.89
CA PHE A 55 -9.12 -23.06 -3.88
C PHE A 55 -10.21 -23.02 -4.94
N PHE A 56 -11.28 -22.27 -4.66
CA PHE A 56 -12.33 -21.94 -5.65
C PHE A 56 -11.69 -21.71 -7.03
N TRP A 57 -12.25 -22.29 -8.09
CA TRP A 57 -11.65 -22.23 -9.45
C TRP A 57 -11.28 -20.77 -9.77
N HIS A 58 -12.23 -19.84 -9.62
CA HIS A 58 -12.15 -18.44 -10.15
C HIS A 58 -11.16 -17.58 -9.34
N LEU A 59 -10.43 -18.17 -8.39
CA LEU A 59 -9.30 -17.50 -7.68
C LEU A 59 -7.99 -17.71 -8.45
N THR A 60 -7.91 -18.74 -9.31
CA THR A 60 -6.68 -19.07 -10.10
C THR A 60 -5.52 -19.18 -9.13
N LEU A 61 -5.65 -20.04 -8.13
CA LEU A 61 -4.59 -20.32 -7.12
C LEU A 61 -4.26 -21.80 -7.21
N PRO A 62 -2.96 -22.15 -7.22
CA PRO A 62 -2.56 -23.55 -7.38
C PRO A 62 -2.79 -24.39 -6.11
N GLU A 63 -3.01 -25.69 -6.28
CA GLU A 63 -2.96 -26.67 -5.19
C GLU A 63 -1.67 -26.45 -4.40
N ARG A 64 -1.70 -26.70 -3.10
CA ARG A 64 -0.53 -26.62 -2.20
C ARG A 64 -0.19 -28.06 -1.80
N ARG A 65 0.19 -28.88 -2.76
CA ARG A 65 0.54 -30.31 -2.54
C ARG A 65 1.63 -30.35 -1.46
N GLY A 66 1.37 -31.04 -0.35
CA GLY A 66 2.30 -31.20 0.78
C GLY A 66 1.78 -30.56 2.07
N THR A 67 0.78 -29.68 1.97
CA THR A 67 0.26 -28.93 3.14
C THR A 67 -0.28 -29.90 4.18
N CYS A 68 -0.78 -31.08 3.74
CA CYS A 68 -1.30 -32.13 4.66
C CYS A 68 -0.15 -32.63 5.54
N ALA A 69 1.06 -32.77 5.01
CA ALA A 69 2.20 -33.20 5.84
C ALA A 69 2.41 -32.13 6.92
N ASP A 70 2.32 -30.85 6.54
CA ASP A 70 2.49 -29.71 7.48
C ASP A 70 1.44 -29.81 8.59
N ARG A 71 0.17 -30.01 8.22
CA ARG A 71 -0.97 -30.12 9.17
C ARG A 71 -0.73 -31.29 10.13
N ASP A 72 -0.27 -32.43 9.63
CA ASP A 72 -0.18 -33.67 10.43
C ASP A 72 0.99 -33.51 11.39
N ASN A 73 2.10 -32.95 10.90
CA ASN A 73 3.36 -32.74 11.69
C ASN A 73 3.07 -31.75 12.81
N LEU A 74 2.44 -30.62 12.48
CA LEU A 74 2.08 -29.58 13.48
C LEU A 74 1.12 -30.20 14.49
N THR A 75 0.14 -30.98 14.02
CA THR A 75 -0.90 -31.56 14.91
C THR A 75 -0.21 -32.47 15.93
N ARG A 76 0.71 -33.30 15.48
CA ARG A 76 1.39 -34.25 16.39
C ARG A 76 2.22 -33.47 17.42
N ARG A 77 3.03 -32.51 16.98
CA ARG A 77 4.02 -31.84 17.85
C ARG A 77 3.31 -30.98 18.89
N PHE A 78 2.21 -30.33 18.51
CA PHE A 78 1.43 -29.46 19.42
C PHE A 78 0.62 -30.34 20.38
N SER A 79 0.11 -31.49 19.93
CA SER A 79 -0.56 -32.48 20.80
C SER A 79 0.41 -32.92 21.91
N ASP A 80 1.63 -33.31 21.56
CA ASP A 80 2.64 -33.79 22.54
C ASP A 80 2.99 -32.68 23.56
N LEU A 81 2.76 -31.40 23.27
CA LEU A 81 3.01 -30.31 24.23
C LEU A 81 1.72 -29.99 25.01
N GLY A 82 0.67 -30.78 24.80
CA GLY A 82 -0.55 -30.73 25.62
C GLY A 82 -1.66 -29.89 25.01
N PHE A 83 -1.53 -29.44 23.76
CA PHE A 83 -2.60 -28.65 23.09
C PHE A 83 -3.74 -29.59 22.69
N GLU A 84 -4.97 -29.11 22.86
CA GLU A 84 -6.17 -29.61 22.16
C GLU A 84 -6.06 -29.05 20.73
N VAL A 85 -5.61 -29.85 19.76
CA VAL A 85 -5.44 -29.39 18.35
C VAL A 85 -6.75 -29.56 17.61
N LYS A 86 -7.30 -28.49 17.04
CA LYS A 86 -8.51 -28.53 16.19
C LYS A 86 -8.11 -28.11 14.76
N CYS A 87 -8.11 -29.07 13.80
CA CYS A 87 -7.79 -28.87 12.37
C CYS A 87 -9.07 -28.63 11.57
N PHE A 88 -8.99 -27.77 10.55
CA PHE A 88 -10.07 -27.50 9.59
C PHE A 88 -9.48 -27.39 8.18
N ASN A 89 -10.04 -28.17 7.25
CA ASN A 89 -9.55 -28.29 5.86
C ASN A 89 -10.45 -27.46 4.93
N ASP A 90 -9.85 -26.55 4.19
CA ASP A 90 -10.46 -25.85 3.02
C ASP A 90 -11.79 -25.19 3.41
N LEU A 91 -11.86 -24.52 4.56
CA LEU A 91 -13.07 -23.75 4.97
C LEU A 91 -13.22 -22.53 4.05
N LYS A 92 -14.46 -22.26 3.65
CA LYS A 92 -14.85 -20.97 3.03
C LYS A 92 -14.74 -19.88 4.10
N ALA A 93 -14.70 -18.61 3.70
CA ALA A 93 -14.44 -17.46 4.57
C ALA A 93 -15.46 -17.45 5.71
N GLU A 94 -16.74 -17.60 5.41
CA GLU A 94 -17.83 -17.52 6.41
C GLU A 94 -17.58 -18.57 7.49
N GLU A 95 -17.26 -19.80 7.11
CA GLU A 95 -17.07 -20.93 8.05
C GLU A 95 -15.87 -20.65 8.94
N LEU A 96 -14.79 -20.12 8.35
CA LEU A 96 -13.51 -19.87 9.06
C LEU A 96 -13.77 -18.79 10.11
N LEU A 97 -14.37 -17.68 9.70
CA LEU A 97 -14.74 -16.60 10.64
C LEU A 97 -15.63 -17.17 11.75
N LEU A 98 -16.63 -18.00 11.43
CA LEU A 98 -17.48 -18.63 12.48
C LEU A 98 -16.59 -19.43 13.43
N LYS A 99 -15.74 -20.32 12.92
CA LYS A 99 -15.00 -21.25 13.81
C LYS A 99 -14.07 -20.41 14.69
N ILE A 100 -13.43 -19.40 14.12
CA ILE A 100 -12.37 -18.68 14.87
C ILE A 100 -13.05 -17.74 15.87
N HIS A 101 -14.19 -17.16 15.52
CA HIS A 101 -14.99 -16.32 16.43
C HIS A 101 -15.50 -17.17 17.61
N GLU A 102 -16.07 -18.34 17.33
CA GLU A 102 -16.49 -19.35 18.34
C GLU A 102 -15.35 -19.49 19.35
N VAL A 103 -14.17 -19.89 18.90
CA VAL A 103 -13.00 -20.18 19.77
C VAL A 103 -12.62 -18.92 20.55
N SER A 104 -12.84 -17.74 19.98
CA SER A 104 -12.42 -16.47 20.63
C SER A 104 -13.34 -16.12 21.80
N THR A 105 -14.57 -16.63 21.81
CA THR A 105 -15.64 -16.20 22.76
C THR A 105 -15.94 -17.29 23.79
N VAL A 106 -15.50 -18.52 23.55
CA VAL A 106 -15.34 -19.57 24.60
C VAL A 106 -14.36 -19.04 25.65
N SER A 107 -14.35 -19.60 26.86
CA SER A 107 -13.46 -19.20 27.97
C SER A 107 -12.11 -19.91 27.87
N HIS A 108 -11.01 -19.16 27.99
CA HIS A 108 -9.63 -19.70 28.08
C HIS A 108 -9.12 -19.52 29.50
N ALA A 109 -10.00 -19.20 30.45
CA ALA A 109 -9.66 -18.92 31.87
C ALA A 109 -8.78 -20.03 32.43
N ASP A 110 -9.02 -21.30 32.09
CA ASP A 110 -8.27 -22.44 32.68
C ASP A 110 -7.18 -22.91 31.69
N ALA A 111 -6.72 -22.03 30.80
CA ALA A 111 -5.74 -22.36 29.73
C ALA A 111 -4.45 -21.53 29.89
N ASP A 112 -3.33 -22.15 29.53
CA ASP A 112 -2.00 -21.51 29.50
C ASP A 112 -1.94 -20.46 28.37
N CYS A 113 -2.39 -20.81 27.17
CA CYS A 113 -2.19 -19.97 25.98
C CYS A 113 -3.09 -20.37 24.82
N PHE A 114 -2.93 -19.71 23.68
CA PHE A 114 -3.64 -19.96 22.41
C PHE A 114 -2.65 -19.97 21.26
N VAL A 115 -2.74 -20.98 20.41
CA VAL A 115 -1.96 -21.12 19.14
C VAL A 115 -2.95 -21.16 17.98
N CYS A 116 -2.66 -20.45 16.90
CA CYS A 116 -3.46 -20.43 15.67
C CYS A 116 -2.52 -20.51 14.48
N VAL A 117 -2.72 -21.47 13.58
CA VAL A 117 -1.83 -21.72 12.41
C VAL A 117 -2.62 -21.55 11.12
N PHE A 118 -2.04 -20.83 10.16
CA PHE A 118 -2.55 -20.69 8.77
C PHE A 118 -1.56 -21.32 7.80
N LEU A 119 -2.02 -22.34 7.07
CA LEU A 119 -1.31 -22.97 5.93
C LEU A 119 -2.14 -22.67 4.69
N SER A 120 -1.80 -21.62 3.95
CA SER A 120 -2.56 -21.21 2.75
C SER A 120 -1.69 -20.33 1.86
N HIS A 121 -2.31 -19.72 0.87
CA HIS A 121 -1.72 -18.59 0.12
C HIS A 121 -2.04 -17.31 0.89
N GLY A 122 -1.26 -16.27 0.64
CA GLY A 122 -1.53 -14.95 1.19
C GLY A 122 -0.96 -13.88 0.30
N GLU A 123 -1.32 -12.65 0.63
CA GLU A 123 -0.88 -11.42 -0.05
C GLU A 123 -1.02 -10.33 1.00
N GLY A 124 0.07 -9.63 1.31
CA GLY A 124 0.08 -8.42 2.15
C GLY A 124 -0.49 -8.68 3.52
N ASN A 125 -1.66 -8.10 3.78
CA ASN A 125 -2.44 -8.13 5.05
C ASN A 125 -3.27 -9.42 5.17
N HIS A 126 -3.30 -10.26 4.14
CA HIS A 126 -4.40 -11.20 3.89
C HIS A 126 -3.91 -12.64 3.82
N ILE A 127 -4.72 -13.53 4.36
CA ILE A 127 -4.61 -15.00 4.19
C ILE A 127 -5.76 -15.40 3.28
N TYR A 128 -5.60 -16.48 2.51
CA TYR A 128 -6.69 -17.01 1.65
C TYR A 128 -7.40 -18.15 2.38
N ALA A 129 -8.71 -17.99 2.53
CA ALA A 129 -9.68 -19.09 2.70
C ALA A 129 -9.85 -19.76 1.34
N TYR A 130 -10.72 -20.76 1.23
CA TYR A 130 -10.99 -21.49 -0.04
C TYR A 130 -11.51 -20.54 -1.13
N ASP A 131 -12.23 -19.53 -0.67
CA ASP A 131 -13.33 -18.73 -1.22
C ASP A 131 -12.82 -17.33 -1.63
N ALA A 132 -11.94 -16.76 -0.80
CA ALA A 132 -11.70 -15.30 -0.67
C ALA A 132 -10.63 -15.04 0.39
N LYS A 133 -10.08 -13.81 0.38
CA LYS A 133 -9.04 -13.43 1.35
C LYS A 133 -9.69 -12.77 2.56
N ILE A 134 -9.00 -12.87 3.70
CA ILE A 134 -9.43 -12.32 5.02
C ILE A 134 -8.26 -11.51 5.59
N GLU A 135 -8.54 -10.34 6.15
CA GLU A 135 -7.49 -9.52 6.84
C GLU A 135 -7.01 -10.32 8.05
N ILE A 136 -5.71 -10.57 8.15
CA ILE A 136 -5.05 -11.18 9.34
C ILE A 136 -5.38 -10.35 10.60
N GLN A 137 -5.42 -9.03 10.53
CA GLN A 137 -5.66 -8.15 11.71
C GLN A 137 -7.01 -8.49 12.34
N THR A 138 -8.03 -8.88 11.56
CA THR A 138 -9.38 -9.16 12.11
C THR A 138 -9.37 -10.55 12.74
N LEU A 139 -8.51 -11.46 12.31
CA LEU A 139 -8.34 -12.78 12.97
C LEU A 139 -7.60 -12.57 14.30
N THR A 140 -6.47 -11.86 14.31
CA THR A 140 -5.67 -11.65 15.55
C THR A 140 -6.44 -10.73 16.50
N GLY A 141 -7.23 -9.80 15.93
CA GLY A 141 -8.06 -8.84 16.70
C GLY A 141 -9.00 -9.51 17.69
N LEU A 142 -9.53 -10.67 17.34
CA LEU A 142 -10.54 -11.38 18.16
C LEU A 142 -9.93 -11.80 19.50
N PHE A 143 -8.60 -11.92 19.57
CA PHE A 143 -7.90 -12.42 20.78
C PHE A 143 -7.19 -11.30 21.56
N LYS A 144 -7.33 -10.04 21.13
CA LYS A 144 -6.77 -8.84 21.83
C LYS A 144 -7.44 -8.72 23.21
N GLY A 145 -6.70 -8.31 24.24
CA GLY A 145 -7.22 -8.03 25.59
C GLY A 145 -8.67 -7.55 25.59
N ASP A 146 -8.96 -6.47 24.87
CA ASP A 146 -10.32 -5.87 24.74
C ASP A 146 -11.36 -6.99 24.60
N LYS A 147 -11.17 -7.89 23.64
CA LYS A 147 -12.24 -8.74 23.05
C LYS A 147 -12.21 -10.16 23.63
N CYS A 148 -11.15 -10.55 24.35
CA CYS A 148 -11.01 -11.94 24.87
C CYS A 148 -10.34 -11.87 26.25
N HIS A 149 -11.13 -11.54 27.28
CA HIS A 149 -10.64 -11.25 28.65
C HIS A 149 -9.81 -12.44 29.16
N SER A 150 -10.25 -13.68 28.90
CA SER A 150 -9.66 -14.93 29.45
C SER A 150 -8.22 -15.18 28.96
N LEU A 151 -7.74 -14.42 27.96
CA LEU A 151 -6.37 -14.61 27.39
C LEU A 151 -5.48 -13.42 27.71
N VAL A 152 -6.01 -12.37 28.35
CA VAL A 152 -5.19 -11.20 28.79
C VAL A 152 -3.98 -11.71 29.57
N GLY A 153 -2.78 -11.24 29.22
CA GLY A 153 -1.52 -11.60 29.90
C GLY A 153 -1.09 -13.03 29.62
N LYS A 154 -1.74 -13.72 28.68
CA LYS A 154 -1.35 -15.09 28.22
C LYS A 154 -0.86 -15.06 26.78
N PRO A 155 0.16 -15.86 26.43
CA PRO A 155 0.72 -15.85 25.07
C PRO A 155 -0.32 -16.21 24.02
N LYS A 156 -0.38 -15.43 22.93
CA LYS A 156 -1.23 -15.72 21.76
C LYS A 156 -0.30 -15.84 20.55
N ILE A 157 -0.10 -17.04 20.05
CA ILE A 157 0.95 -17.39 19.06
C ILE A 157 0.27 -17.70 17.74
N PHE A 158 0.56 -16.93 16.69
CA PHE A 158 0.14 -17.21 15.31
C PHE A 158 1.35 -17.66 14.49
N ILE A 159 1.19 -18.78 13.77
CA ILE A 159 2.20 -19.32 12.83
C ILE A 159 1.62 -19.28 11.43
N ILE A 160 2.32 -18.66 10.48
CA ILE A 160 1.76 -18.37 9.13
C ILE A 160 2.74 -18.84 8.06
N GLN A 161 2.37 -19.94 7.41
CA GLN A 161 3.01 -20.45 6.19
C GLN A 161 2.11 -20.04 5.04
N ALA A 162 2.39 -18.88 4.47
CA ALA A 162 1.59 -18.32 3.36
C ALA A 162 2.50 -17.48 2.45
N ALA A 163 2.35 -17.70 1.15
CA ALA A 163 3.13 -17.02 0.11
C ALA A 163 2.25 -16.82 -1.13
N ARG A 164 2.86 -16.36 -2.23
CA ARG A 164 2.17 -16.01 -3.50
C ARG A 164 1.99 -17.28 -4.35
N GLY A 165 0.75 -17.64 -4.69
CA GLY A 165 0.54 -18.79 -5.60
C GLY A 165 0.90 -18.44 -7.02
N ASN A 166 1.97 -19.02 -7.59
CA ASN A 166 2.30 -18.98 -9.06
C ASN A 166 1.24 -19.61 -9.96
N GLN A 167 0.94 -19.01 -11.12
CA GLN A 167 -0.01 -19.51 -12.14
C GLN A 167 0.41 -20.93 -12.58
N THR A 187 8.13 -37.23 -8.16
CA THR A 187 7.15 -37.65 -7.13
C THR A 187 7.11 -36.61 -5.99
N ASN A 188 8.20 -36.47 -5.21
CA ASN A 188 8.45 -35.37 -4.22
C ASN A 188 9.25 -34.22 -4.88
N ILE A 189 8.55 -33.29 -5.54
CA ILE A 189 9.14 -32.05 -6.13
C ILE A 189 9.20 -30.99 -5.04
N THR A 190 10.15 -30.06 -5.11
CA THR A 190 10.24 -28.86 -4.25
C THR A 190 9.66 -27.67 -5.01
N GLU A 191 8.51 -27.13 -4.60
CA GLU A 191 7.89 -25.91 -5.21
C GLU A 191 8.39 -24.70 -4.44
N VAL A 192 8.64 -23.59 -5.13
CA VAL A 192 9.14 -22.34 -4.48
C VAL A 192 8.19 -21.19 -4.81
N ASP A 193 7.74 -20.50 -3.76
CA ASP A 193 6.85 -19.31 -3.83
C ASP A 193 7.65 -18.09 -3.38
N ALA A 194 7.33 -16.93 -3.93
CA ALA A 194 7.90 -15.65 -3.43
C ALA A 194 7.16 -15.29 -2.15
N ALA A 195 7.89 -14.74 -1.18
CA ALA A 195 7.32 -14.09 0.02
C ALA A 195 6.25 -13.11 -0.42
N SER A 196 5.13 -13.03 0.30
CA SER A 196 4.02 -12.11 -0.07
C SER A 196 3.31 -11.55 1.15
N VAL A 197 3.32 -12.26 2.28
CA VAL A 197 2.56 -11.86 3.51
C VAL A 197 3.47 -11.02 4.39
N TYR A 198 3.01 -9.82 4.70
CA TYR A 198 3.65 -8.86 5.60
C TYR A 198 3.87 -9.53 6.96
N THR A 199 5.07 -9.35 7.51
CA THR A 199 5.51 -9.85 8.83
C THR A 199 5.00 -8.90 9.92
N LEU A 200 3.68 -8.90 10.14
CA LEU A 200 2.94 -7.96 11.02
C LEU A 200 3.12 -8.33 12.48
N PRO A 201 3.06 -7.31 13.37
CA PRO A 201 3.02 -7.56 14.81
C PRO A 201 1.53 -7.75 15.13
N ALA A 202 1.11 -7.84 16.38
CA ALA A 202 -0.33 -8.10 16.63
C ALA A 202 -0.85 -7.48 17.92
N GLY A 203 0.00 -7.18 18.90
CA GLY A 203 -0.51 -6.69 20.20
C GLY A 203 0.19 -7.34 21.39
N ALA A 204 -0.02 -6.77 22.57
CA ALA A 204 0.69 -7.23 23.78
C ALA A 204 0.44 -8.73 23.91
N ASP A 205 1.53 -9.48 24.05
CA ASP A 205 1.54 -10.92 24.43
C ASP A 205 1.21 -11.77 23.20
N PHE A 206 1.20 -11.18 22.00
CA PHE A 206 1.20 -11.95 20.74
C PHE A 206 2.63 -12.24 20.26
N LEU A 207 2.80 -13.40 19.63
CA LEU A 207 4.02 -13.81 18.91
C LEU A 207 3.59 -14.23 17.50
N MET A 208 3.95 -13.44 16.49
CA MET A 208 3.61 -13.73 15.08
C MET A 208 4.82 -14.40 14.43
N CYS A 209 4.67 -15.61 13.90
CA CYS A 209 5.76 -16.45 13.35
C CYS A 209 5.53 -16.65 11.85
N TYR A 210 6.52 -16.34 11.02
CA TYR A 210 6.38 -16.26 9.54
C TYR A 210 7.38 -17.22 8.88
N SER A 211 6.91 -18.05 7.95
CA SER A 211 7.73 -18.96 7.11
C SER A 211 8.86 -18.20 6.40
N VAL A 212 8.61 -16.97 5.97
CA VAL A 212 9.52 -16.24 5.04
C VAL A 212 9.34 -14.73 5.17
N ALA A 213 10.43 -14.00 4.98
CA ALA A 213 10.52 -12.53 5.07
C ALA A 213 10.54 -11.90 3.66
N GLU A 214 10.26 -10.60 3.58
CA GLU A 214 10.30 -9.81 2.31
C GLU A 214 11.60 -10.11 1.57
N GLY A 215 11.49 -10.36 0.26
CA GLY A 215 12.62 -10.59 -0.65
C GLY A 215 13.14 -12.02 -0.65
N TYR A 216 12.66 -12.89 0.25
CA TYR A 216 13.12 -14.31 0.30
C TYR A 216 12.03 -15.20 -0.30
N TYR A 217 12.27 -16.51 -0.35
CA TYR A 217 11.38 -17.47 -1.03
C TYR A 217 11.03 -18.60 -0.06
N SER A 218 9.79 -19.08 -0.12
CA SER A 218 9.27 -20.19 0.73
C SER A 218 9.24 -21.45 -0.12
N HIS A 219 9.65 -22.57 0.46
CA HIS A 219 9.82 -23.88 -0.21
C HIS A 219 8.80 -24.90 0.35
N ARG A 220 8.12 -25.66 -0.52
CA ARG A 220 7.22 -26.77 -0.12
C ARG A 220 7.56 -28.00 -0.96
N GLU A 221 7.98 -29.08 -0.29
CA GLU A 221 8.18 -30.43 -0.86
C GLU A 221 6.78 -31.05 -0.93
N THR A 222 6.41 -31.67 -2.06
CA THR A 222 4.99 -32.05 -2.33
C THR A 222 4.59 -33.26 -1.49
N VAL A 223 5.53 -33.96 -0.86
CA VAL A 223 5.25 -35.07 0.08
C VAL A 223 5.64 -34.65 1.50
N ASN A 224 6.86 -34.15 1.67
CA ASN A 224 7.46 -33.86 3.00
C ASN A 224 6.92 -32.58 3.63
N GLY A 225 6.37 -31.66 2.83
CA GLY A 225 5.81 -30.38 3.30
C GLY A 225 6.82 -29.23 3.27
N SER A 226 6.38 -28.10 3.81
CA SER A 226 7.10 -26.80 3.82
C SER A 226 8.41 -26.90 4.61
N TRP A 227 9.51 -26.37 4.07
CA TRP A 227 10.82 -26.32 4.76
C TRP A 227 10.62 -25.73 6.16
N TYR A 228 9.91 -24.61 6.25
CA TYR A 228 9.70 -23.88 7.53
C TYR A 228 9.08 -24.84 8.54
N ILE A 229 8.02 -25.54 8.12
CA ILE A 229 7.19 -26.31 9.07
C ILE A 229 7.90 -27.62 9.41
N GLN A 230 8.63 -28.21 8.46
CA GLN A 230 9.48 -29.39 8.75
C GLN A 230 10.44 -29.02 9.88
N ASP A 231 11.15 -27.90 9.74
CA ASP A 231 12.22 -27.51 10.69
C ASP A 231 11.57 -27.07 12.01
N LEU A 232 10.46 -26.35 11.97
CA LEU A 232 9.72 -25.99 13.20
C LEU A 232 9.39 -27.27 13.95
N CYS A 233 8.80 -28.24 13.25
CA CYS A 233 8.29 -29.50 13.87
C CYS A 233 9.47 -30.33 14.40
N GLU A 234 10.58 -30.40 13.66
CA GLU A 234 11.80 -31.10 14.15
C GLU A 234 12.25 -30.46 15.47
N MET A 235 12.30 -29.13 15.54
CA MET A 235 12.77 -28.42 16.75
C MET A 235 11.75 -28.60 17.89
N LEU A 236 10.45 -28.59 17.60
CA LEU A 236 9.42 -28.86 18.64
C LEU A 236 9.65 -30.26 19.23
N GLY A 237 9.88 -31.25 18.39
CA GLY A 237 10.15 -32.63 18.84
C GLY A 237 11.36 -32.71 19.75
N LYS A 238 12.52 -32.27 19.28
CA LYS A 238 13.77 -32.31 20.08
C LYS A 238 13.66 -31.40 21.32
N TYR A 239 13.11 -30.18 21.22
CA TYR A 239 13.36 -29.12 22.23
C TYR A 239 12.09 -28.42 22.73
N GLY A 240 10.91 -28.68 22.14
CA GLY A 240 9.66 -28.00 22.51
C GLY A 240 9.45 -27.90 24.00
N SER A 241 9.73 -28.98 24.73
CA SER A 241 9.36 -29.16 26.15
C SER A 241 10.44 -28.60 27.09
N SER A 242 11.55 -28.09 26.57
CA SER A 242 12.70 -27.60 27.39
C SER A 242 13.04 -26.14 27.08
N LEU A 243 13.25 -25.80 25.81
CA LEU A 243 13.74 -24.46 25.37
C LEU A 243 12.62 -23.42 25.43
N GLU A 244 13.02 -22.19 25.75
CA GLU A 244 12.16 -20.97 25.62
C GLU A 244 11.73 -20.88 24.15
N PHE A 245 10.49 -20.52 23.87
CA PHE A 245 9.90 -20.76 22.52
C PHE A 245 10.59 -19.84 21.50
N THR A 246 10.96 -18.61 21.85
CA THR A 246 11.66 -17.70 20.92
C THR A 246 13.07 -18.26 20.66
N GLU A 247 13.72 -18.90 21.65
CA GLU A 247 15.04 -19.58 21.45
C GLU A 247 14.87 -20.65 20.36
N LEU A 248 13.78 -21.40 20.45
CA LEU A 248 13.45 -22.50 19.51
C LEU A 248 13.25 -21.92 18.12
N LEU A 249 12.44 -20.86 18.01
CA LEU A 249 12.14 -20.21 16.71
C LEU A 249 13.44 -19.70 16.07
N THR A 250 14.42 -19.31 16.90
CA THR A 250 15.76 -18.83 16.45
C THR A 250 16.51 -20.02 15.84
N LEU A 251 16.46 -21.19 16.48
CA LEU A 251 16.97 -22.46 15.88
C LEU A 251 16.31 -22.67 14.52
N VAL A 252 15.01 -22.45 14.42
CA VAL A 252 14.28 -22.65 13.13
C VAL A 252 14.82 -21.67 12.08
N ASN A 253 15.12 -20.44 12.50
CA ASN A 253 15.70 -19.44 11.58
C ASN A 253 17.03 -19.98 11.06
N ARG A 254 17.87 -20.51 11.95
CA ARG A 254 19.18 -21.07 11.53
C ARG A 254 18.94 -22.24 10.57
N LYS A 255 18.15 -23.24 10.97
CA LYS A 255 17.94 -24.47 10.15
C LYS A 255 17.51 -24.08 8.74
N VAL A 256 16.50 -23.22 8.61
CA VAL A 256 15.91 -22.89 7.28
C VAL A 256 16.90 -22.05 6.47
N SER A 257 17.58 -21.09 7.10
CA SER A 257 18.57 -20.19 6.44
C SER A 257 19.73 -21.01 5.85
N GLN A 258 20.14 -22.07 6.55
CA GLN A 258 21.26 -22.98 6.18
C GLN A 258 20.89 -23.99 5.08
N ARG A 259 19.60 -24.18 4.76
CA ARG A 259 19.21 -25.08 3.65
C ARG A 259 19.74 -24.50 2.34
N ARG A 260 20.49 -25.33 1.61
CA ARG A 260 21.31 -24.92 0.44
C ARG A 260 20.41 -24.90 -0.79
N VAL A 261 20.67 -23.95 -1.69
CA VAL A 261 19.76 -23.61 -2.81
C VAL A 261 20.61 -23.29 -4.06
N ASP A 262 21.82 -23.85 -4.15
CA ASP A 262 22.80 -23.65 -5.27
C ASP A 262 22.71 -24.84 -6.25
N PHE A 263 22.43 -26.06 -5.77
CA PHE A 263 22.34 -27.30 -6.59
C PHE A 263 20.88 -27.79 -6.56
N CYS A 264 20.04 -27.24 -7.45
CA CYS A 264 18.58 -27.52 -7.54
C CYS A 264 18.27 -28.20 -8.89
N LYS A 265 17.37 -29.18 -8.89
CA LYS A 265 16.87 -29.86 -10.12
C LYS A 265 16.28 -28.81 -11.06
N ASP A 266 15.45 -27.89 -10.56
CA ASP A 266 14.98 -26.72 -11.36
C ASP A 266 16.11 -25.67 -11.36
N PRO A 267 16.63 -25.26 -12.54
CA PRO A 267 17.63 -24.19 -12.60
C PRO A 267 17.12 -22.84 -12.05
N SER A 268 15.87 -22.46 -12.36
CA SER A 268 15.26 -21.15 -12.01
C SER A 268 15.07 -21.01 -10.49
N ALA A 269 15.19 -22.11 -9.72
CA ALA A 269 15.02 -22.14 -8.25
C ALA A 269 16.35 -21.86 -7.52
N ILE A 270 17.45 -21.63 -8.26
CA ILE A 270 18.83 -21.48 -7.71
C ILE A 270 18.98 -20.08 -7.11
N GLY A 271 19.61 -19.99 -5.93
CA GLY A 271 19.88 -18.73 -5.20
C GLY A 271 18.63 -18.11 -4.57
N LYS A 272 17.50 -18.83 -4.58
CA LYS A 272 16.23 -18.42 -3.94
C LYS A 272 16.27 -18.84 -2.47
N LYS A 273 16.99 -18.11 -1.62
CA LYS A 273 17.20 -18.47 -0.19
C LYS A 273 15.88 -18.27 0.59
N GLN A 274 15.77 -18.95 1.72
CA GLN A 274 14.60 -18.81 2.60
C GLN A 274 15.09 -18.35 3.97
N VAL A 275 14.56 -17.23 4.45
CA VAL A 275 14.81 -16.75 5.84
C VAL A 275 13.46 -16.52 6.51
N PRO A 276 13.14 -17.24 7.60
CA PRO A 276 11.91 -16.97 8.32
C PRO A 276 12.18 -15.83 9.29
N CYS A 277 11.14 -15.40 10.00
CA CYS A 277 11.27 -14.44 11.12
C CYS A 277 10.10 -14.63 12.08
N PHE A 278 10.22 -14.03 13.25
CA PHE A 278 9.13 -13.84 14.22
C PHE A 278 9.14 -12.39 14.68
N ALA A 279 7.94 -11.87 14.88
CA ALA A 279 7.66 -10.55 15.46
C ALA A 279 7.11 -10.77 16.87
N SER A 280 7.95 -10.56 17.88
CA SER A 280 7.56 -10.77 19.30
C SER A 280 6.99 -9.50 19.90
N MET A 281 5.82 -9.63 20.52
CA MET A 281 5.26 -8.62 21.46
CA MET A 281 5.26 -8.62 21.46
C MET A 281 5.09 -9.29 22.83
N LEU A 282 5.81 -10.38 23.06
CA LEU A 282 5.81 -11.11 24.37
C LEU A 282 6.48 -10.22 25.42
N THR A 283 6.07 -10.39 26.68
CA THR A 283 6.53 -9.62 27.84
C THR A 283 7.25 -10.53 28.84
N LYS A 284 7.30 -11.83 28.56
CA LYS A 284 7.92 -12.81 29.50
C LYS A 284 8.52 -13.97 28.72
N LYS A 285 9.41 -14.72 29.37
CA LYS A 285 9.94 -16.00 28.85
C LYS A 285 8.73 -16.96 28.70
N LEU A 286 8.68 -17.72 27.61
CA LEU A 286 7.59 -18.67 27.28
C LEU A 286 8.16 -20.07 27.19
N HIS A 287 7.68 -20.97 28.04
CA HIS A 287 8.12 -22.40 28.08
C HIS A 287 6.90 -23.31 28.02
N PHE A 288 7.10 -24.49 27.43
CA PHE A 288 6.05 -25.54 27.32
C PHE A 288 6.55 -26.79 28.05
N PHE A 289 7.00 -26.60 29.30
CA PHE A 289 7.41 -27.70 30.21
C PHE A 289 6.25 -28.68 30.35
N PRO A 290 6.52 -29.99 30.44
CA PRO A 290 5.49 -31.01 30.58
C PRO A 290 4.53 -30.67 31.72
N LYS A 291 3.21 -30.78 31.49
CA LYS A 291 2.20 -30.48 32.54
C LYS A 291 2.04 -31.69 33.49
N SER A 292 1.93 -31.42 34.79
CA SER A 292 1.80 -32.44 35.87
C SER A 292 0.35 -32.92 35.90
N ASN A 293 0.09 -34.16 35.46
CA ASN A 293 -1.27 -34.74 35.30
C ASN A 293 -2.21 -34.22 36.40
N MET B 30 27.15 -31.84 14.25
CA MET B 30 26.98 -31.76 15.72
C MET B 30 26.27 -30.42 16.06
N PHE B 31 24.98 -30.33 15.74
CA PHE B 31 24.09 -29.14 15.85
C PHE B 31 23.76 -28.81 17.31
N ASP B 32 23.84 -27.54 17.70
CA ASP B 32 23.88 -27.08 19.11
C ASP B 32 22.75 -26.09 19.39
N PRO B 33 21.76 -26.44 20.26
CA PRO B 33 20.65 -25.54 20.52
C PRO B 33 21.02 -24.28 21.31
N ALA B 34 22.24 -24.20 21.82
CA ALA B 34 22.69 -23.10 22.69
C ALA B 34 23.82 -22.31 22.00
N GLU B 35 23.98 -22.50 20.68
CA GLU B 35 24.99 -21.75 19.90
C GLU B 35 24.77 -20.25 20.14
N LYS B 36 25.86 -19.55 20.48
CA LYS B 36 25.94 -18.06 20.61
C LYS B 36 26.64 -17.49 19.38
N TYR B 37 26.25 -16.29 18.94
CA TYR B 37 27.07 -15.53 17.97
C TYR B 37 28.48 -15.41 18.56
N LYS B 38 29.50 -15.58 17.72
CA LYS B 38 30.94 -15.41 18.08
C LYS B 38 31.15 -13.92 18.41
N MET B 39 31.34 -13.57 19.69
CA MET B 39 31.47 -12.14 20.14
C MET B 39 32.84 -11.90 20.80
N ASP B 40 33.90 -12.47 20.23
CA ASP B 40 35.30 -12.45 20.76
C ASP B 40 36.24 -11.81 19.72
N HIS B 41 35.74 -10.96 18.83
CA HIS B 41 36.56 -10.16 17.89
C HIS B 41 37.26 -9.01 18.63
N ARG B 42 38.21 -8.37 17.98
CA ARG B 42 39.05 -7.29 18.59
C ARG B 42 38.12 -6.17 19.08
N ARG B 43 37.22 -5.64 18.25
CA ARG B 43 36.30 -4.52 18.60
C ARG B 43 34.85 -5.06 18.63
N ARG B 44 33.97 -4.44 19.42
CA ARG B 44 32.51 -4.77 19.45
C ARG B 44 31.89 -4.42 18.09
N GLY B 45 32.16 -3.20 17.62
CA GLY B 45 31.72 -2.69 16.31
C GLY B 45 31.12 -1.29 16.41
N ILE B 46 30.57 -0.80 15.32
CA ILE B 46 30.01 0.57 15.26
C ILE B 46 28.52 0.55 15.64
N ALA B 47 28.07 1.55 16.40
CA ALA B 47 26.66 1.95 16.57
C ALA B 47 26.44 3.32 15.92
N LEU B 48 25.87 3.38 14.72
CA LEU B 48 25.35 4.64 14.12
C LEU B 48 24.12 5.09 14.89
N ILE B 49 24.01 6.38 15.17
CA ILE B 49 22.75 6.99 15.68
C ILE B 49 22.43 8.21 14.82
N PHE B 50 21.35 8.12 14.04
CA PHE B 50 20.79 9.25 13.28
C PHE B 50 19.69 9.89 14.12
N ASN B 51 19.92 11.12 14.53
CA ASN B 51 19.07 11.84 15.51
C ASN B 51 18.46 13.06 14.84
N HIS B 52 17.14 13.11 14.74
CA HIS B 52 16.37 14.13 13.97
C HIS B 52 15.40 14.83 14.92
N GLU B 53 15.65 16.11 15.17
CA GLU B 53 14.89 16.99 16.10
C GLU B 53 14.00 17.94 15.30
N ARG B 54 14.52 18.47 14.19
CA ARG B 54 13.89 19.55 13.39
C ARG B 54 13.90 19.12 11.93
N PHE B 55 13.05 19.72 11.11
CA PHE B 55 12.82 19.29 9.71
C PHE B 55 12.67 20.52 8.82
N PHE B 56 13.12 20.40 7.57
CA PHE B 56 12.87 21.40 6.51
C PHE B 56 11.46 21.97 6.66
N TRP B 57 11.30 23.30 6.58
CA TRP B 57 9.99 23.96 6.83
C TRP B 57 8.90 23.25 6.01
N HIS B 58 9.12 23.07 4.71
CA HIS B 58 8.07 22.66 3.72
C HIS B 58 7.68 21.18 3.87
N LEU B 59 8.20 20.48 4.88
CA LEU B 59 7.76 19.11 5.25
C LEU B 59 6.60 19.17 6.26
N THR B 60 6.42 20.30 6.96
CA THR B 60 5.34 20.49 7.97
C THR B 60 5.42 19.34 8.96
N LEU B 61 6.59 19.14 9.58
CA LEU B 61 6.82 18.09 10.62
C LEU B 61 7.24 18.79 11.88
N PRO B 62 6.68 18.40 13.03
CA PRO B 62 6.97 19.07 14.29
C PRO B 62 8.37 18.71 14.84
N GLU B 63 8.95 19.62 15.61
CA GLU B 63 10.13 19.35 16.46
C GLU B 63 9.85 18.07 17.26
N ARG B 64 10.90 17.30 17.54
CA ARG B 64 10.82 16.09 18.37
C ARG B 64 11.57 16.41 19.67
N ARG B 65 11.06 17.37 20.45
CA ARG B 65 11.68 17.81 21.72
C ARG B 65 11.84 16.57 22.60
N GLY B 66 13.06 16.27 23.02
CA GLY B 66 13.40 15.12 23.88
C GLY B 66 14.31 14.11 23.19
N THR B 67 14.41 14.17 21.86
CA THR B 67 15.16 13.16 21.07
C THR B 67 16.62 13.20 21.48
N CYS B 68 17.13 14.37 21.92
CA CYS B 68 18.53 14.52 22.41
C CYS B 68 18.73 13.64 23.64
N ALA B 69 17.76 13.56 24.54
CA ALA B 69 17.90 12.67 25.71
C ALA B 69 18.05 11.24 25.20
N ASP B 70 17.26 10.86 24.20
CA ASP B 70 17.29 9.50 23.58
C ASP B 70 18.71 9.24 23.03
N ARG B 71 19.24 10.18 22.25
CA ARG B 71 20.58 10.08 21.62
C ARG B 71 21.65 9.91 22.71
N ASP B 72 21.56 10.68 23.78
CA ASP B 72 22.63 10.73 24.81
C ASP B 72 22.58 9.45 25.61
N ASN B 73 21.37 8.98 25.94
CA ASN B 73 21.13 7.75 26.73
C ASN B 73 21.62 6.54 25.95
N LEU B 74 21.22 6.45 24.68
CA LEU B 74 21.65 5.35 23.78
C LEU B 74 23.18 5.40 23.64
N THR B 75 23.74 6.60 23.47
CA THR B 75 25.20 6.76 23.24
C THR B 75 25.94 6.20 24.45
N ARG B 76 25.50 6.55 25.64
CA ARG B 76 26.19 6.11 26.87
C ARG B 76 26.09 4.58 27.00
N ARG B 77 24.89 4.00 26.85
CA ARG B 77 24.64 2.57 27.14
C ARG B 77 25.38 1.70 26.12
N PHE B 78 25.42 2.12 24.86
CA PHE B 78 26.09 1.36 23.78
C PHE B 78 27.61 1.51 23.92
N SER B 79 28.09 2.68 24.35
CA SER B 79 29.52 2.90 24.66
C SER B 79 29.96 1.90 25.74
N ASP B 80 29.21 1.80 26.84
CA ASP B 80 29.56 0.91 27.98
C ASP B 80 29.57 -0.56 27.54
N LEU B 81 28.89 -0.94 26.44
CA LEU B 81 28.93 -2.34 25.94
C LEU B 81 30.05 -2.48 24.89
N GLY B 82 30.84 -1.42 24.67
CA GLY B 82 32.07 -1.49 23.87
C GLY B 82 31.89 -0.99 22.45
N PHE B 83 30.75 -0.41 22.11
CA PHE B 83 30.52 0.12 20.74
C PHE B 83 31.30 1.43 20.57
N GLU B 84 31.89 1.61 19.39
CA GLU B 84 32.30 2.93 18.85
C GLU B 84 30.97 3.59 18.39
N VAL B 85 30.42 4.51 19.18
CA VAL B 85 29.12 5.17 18.85
C VAL B 85 29.40 6.40 17.98
N LYS B 86 28.83 6.48 16.78
CA LYS B 86 28.93 7.65 15.89
C LYS B 86 27.54 8.27 15.73
N CYS B 87 27.31 9.46 16.32
CA CYS B 87 26.03 10.24 16.27
C CYS B 87 26.08 11.25 15.14
N PHE B 88 24.93 11.48 14.49
CA PHE B 88 24.73 12.50 13.45
C PHE B 88 23.37 13.19 13.65
N ASN B 89 23.40 14.52 13.72
CA ASN B 89 22.21 15.35 14.02
C ASN B 89 21.68 15.97 12.72
N ASP B 90 20.41 15.73 12.42
CA ASP B 90 19.63 16.47 11.39
C ASP B 90 20.33 16.45 10.03
N LEU B 91 20.88 15.29 9.61
CA LEU B 91 21.48 15.13 8.27
C LEU B 91 20.38 15.21 7.21
N LYS B 92 20.68 15.90 6.11
CA LYS B 92 19.88 15.84 4.86
C LYS B 92 20.06 14.44 4.26
N ALA B 93 19.18 14.04 3.35
CA ALA B 93 19.13 12.67 2.79
C ALA B 93 20.48 12.31 2.19
N GLU B 94 21.05 13.19 1.36
CA GLU B 94 22.33 12.93 0.65
C GLU B 94 23.42 12.60 1.68
N GLU B 95 23.52 13.39 2.74
CA GLU B 95 24.59 13.24 3.75
C GLU B 95 24.41 11.91 4.47
N LEU B 96 23.16 11.57 4.80
CA LEU B 96 22.82 10.35 5.57
C LEU B 96 23.21 9.12 4.72
N LEU B 97 22.75 9.10 3.48
CA LEU B 97 23.11 8.02 2.53
C LEU B 97 24.65 7.94 2.43
N LEU B 98 25.36 9.06 2.28
CA LEU B 98 26.85 9.04 2.25
C LEU B 98 27.39 8.40 3.52
N LYS B 99 26.95 8.84 4.70
CA LYS B 99 27.58 8.37 5.96
C LYS B 99 27.31 6.87 6.08
N ILE B 100 26.09 6.45 5.75
CA ILE B 100 25.69 5.05 6.06
C ILE B 100 26.36 4.14 5.01
N HIS B 101 26.48 4.61 3.76
CA HIS B 101 27.19 3.87 2.69
C HIS B 101 28.67 3.72 3.05
N GLU B 102 29.32 4.80 3.46
CA GLU B 102 30.71 4.82 3.99
C GLU B 102 30.86 3.66 4.98
N VAL B 103 30.06 3.65 6.05
CA VAL B 103 30.15 2.66 7.15
C VAL B 103 29.90 1.26 6.58
N SER B 104 29.10 1.13 5.53
CA SER B 104 28.73 -0.20 4.97
C SER B 104 29.90 -0.81 4.20
N THR B 105 30.82 0.02 3.69
CA THR B 105 31.89 -0.41 2.74
C THR B 105 33.26 -0.42 3.42
N VAL B 106 33.42 0.21 4.56
CA VAL B 106 34.53 -0.05 5.53
C VAL B 106 34.46 -1.53 5.92
N SER B 107 35.57 -2.09 6.44
CA SER B 107 35.66 -3.50 6.89
C SER B 107 35.16 -3.64 8.33
N HIS B 108 34.30 -4.62 8.58
CA HIS B 108 33.83 -5.02 9.93
C HIS B 108 34.46 -6.37 10.30
N ALA B 109 35.47 -6.81 9.54
CA ALA B 109 36.12 -8.12 9.71
C ALA B 109 36.53 -8.33 11.17
N ASP B 110 37.00 -7.29 11.86
CA ASP B 110 37.51 -7.43 13.26
C ASP B 110 36.44 -6.98 14.25
N ALA B 111 35.16 -7.03 13.87
CA ALA B 111 34.02 -6.55 14.69
C ALA B 111 33.04 -7.68 15.01
N ASP B 112 32.45 -7.60 16.20
CA ASP B 112 31.39 -8.54 16.66
C ASP B 112 30.10 -8.32 15.84
N CYS B 113 29.68 -7.08 15.67
CA CYS B 113 28.35 -6.77 15.10
C CYS B 113 28.23 -5.32 14.64
N PHE B 114 27.05 -4.94 14.19
CA PHE B 114 26.69 -3.58 13.75
C PHE B 114 25.33 -3.20 14.35
N VAL B 115 25.25 -2.00 14.92
CA VAL B 115 24.00 -1.39 15.45
C VAL B 115 23.76 -0.09 14.68
N CYS B 116 22.52 0.15 14.27
CA CYS B 116 22.11 1.39 13.60
C CYS B 116 20.78 1.84 14.20
N VAL B 117 20.71 3.09 14.68
CA VAL B 117 19.50 3.65 15.34
C VAL B 117 18.97 4.83 14.55
N PHE B 118 17.65 4.87 14.35
CA PHE B 118 16.91 6.02 13.76
C PHE B 118 15.97 6.60 14.82
N LEU B 119 16.18 7.87 15.15
CA LEU B 119 15.27 8.70 15.98
C LEU B 119 14.74 9.81 15.07
N SER B 120 13.55 9.62 14.51
CA SER B 120 12.95 10.60 13.58
C SER B 120 11.45 10.37 13.47
N HIS B 121 10.84 11.04 12.52
CA HIS B 121 9.48 10.69 12.03
C HIS B 121 9.62 9.60 10.98
N GLY B 122 8.55 8.86 10.78
CA GLY B 122 8.48 7.88 9.69
C GLY B 122 7.06 7.68 9.24
N GLU B 123 6.94 6.95 8.15
CA GLU B 123 5.67 6.58 7.51
C GLU B 123 5.98 5.31 6.73
N GLY B 124 5.26 4.23 7.02
CA GLY B 124 5.29 2.98 6.24
C GLY B 124 6.68 2.40 6.18
N ASN B 125 7.28 2.40 4.99
CA ASN B 125 8.64 1.79 4.83
C ASN B 125 9.72 2.87 4.89
N HIS B 126 9.40 4.06 5.38
CA HIS B 126 10.27 5.25 5.26
C HIS B 126 10.59 5.84 6.63
N ILE B 127 11.83 6.31 6.75
CA ILE B 127 12.29 7.18 7.86
C ILE B 127 12.47 8.57 7.26
N TYR B 128 12.33 9.61 8.07
CA TYR B 128 12.57 11.00 7.61
C TYR B 128 13.99 11.43 7.99
N ALA B 129 14.75 11.83 6.97
CA ALA B 129 15.91 12.73 7.10
C ALA B 129 15.36 14.14 7.33
N TYR B 130 16.23 15.15 7.43
CA TYR B 130 15.83 16.56 7.62
C TYR B 130 14.93 17.06 6.49
N ASP B 131 15.20 16.52 5.31
CA ASP B 131 15.07 17.00 3.92
C ASP B 131 13.87 16.30 3.24
N ALA B 132 13.70 15.00 3.52
CA ALA B 132 12.97 14.03 2.69
C ALA B 132 12.98 12.64 3.35
N LYS B 133 12.14 11.74 2.87
CA LYS B 133 12.05 10.36 3.41
C LYS B 133 12.97 9.45 2.59
N ILE B 134 13.43 8.39 3.25
CA ILE B 134 14.34 7.35 2.67
C ILE B 134 13.73 5.96 2.95
N GLU B 135 13.73 5.06 1.98
CA GLU B 135 13.28 3.67 2.19
C GLU B 135 14.21 3.00 3.20
N ILE B 136 13.66 2.49 4.29
CA ILE B 136 14.39 1.65 5.30
C ILE B 136 15.09 0.46 4.60
N GLN B 137 14.45 -0.17 3.61
CA GLN B 137 15.01 -1.38 2.93
C GLN B 137 16.36 -1.04 2.30
N THR B 138 16.55 0.18 1.79
CA THR B 138 17.82 0.56 1.11
C THR B 138 18.88 0.85 2.17
N LEU B 139 18.51 1.27 3.37
CA LEU B 139 19.47 1.41 4.48
C LEU B 139 19.89 0.03 4.98
N THR B 140 18.95 -0.87 5.27
CA THR B 140 19.26 -2.23 5.80
C THR B 140 19.94 -3.04 4.69
N GLY B 141 19.56 -2.81 3.43
CA GLY B 141 20.13 -3.50 2.25
C GLY B 141 21.64 -3.40 2.16
N LEU B 142 22.23 -2.29 2.59
CA LEU B 142 23.68 -2.03 2.46
C LEU B 142 24.46 -3.04 3.31
N PHE B 143 23.83 -3.63 4.33
CA PHE B 143 24.51 -4.55 5.29
C PHE B 143 24.14 -6.02 5.05
N LYS B 144 23.36 -6.32 4.01
CA LYS B 144 22.98 -7.71 3.61
C LYS B 144 24.26 -8.45 3.20
N GLY B 145 24.38 -9.75 3.50
CA GLY B 145 25.49 -10.62 3.06
C GLY B 145 26.06 -10.22 1.70
N ASP B 146 25.22 -10.13 0.66
CA ASP B 146 25.64 -9.75 -0.72
C ASP B 146 26.63 -8.58 -0.66
N LYS B 147 26.26 -7.50 0.04
CA LYS B 147 26.84 -6.15 -0.14
C LYS B 147 27.87 -5.82 0.94
N CYS B 148 27.95 -6.60 2.01
CA CYS B 148 28.86 -6.31 3.16
C CYS B 148 29.41 -7.62 3.72
N HIS B 149 30.41 -8.18 3.02
CA HIS B 149 30.96 -9.53 3.27
C HIS B 149 31.40 -9.63 4.74
N SER B 150 32.03 -8.58 5.29
CA SER B 150 32.65 -8.56 6.65
C SER B 150 31.62 -8.73 7.77
N LEU B 151 30.31 -8.65 7.49
CA LEU B 151 29.24 -8.76 8.52
C LEU B 151 28.43 -10.04 8.34
N VAL B 152 28.70 -10.81 7.29
CA VAL B 152 28.00 -12.12 7.06
C VAL B 152 28.10 -12.95 8.34
N GLY B 153 26.99 -13.50 8.81
CA GLY B 153 26.94 -14.37 10.01
C GLY B 153 27.16 -13.59 11.30
N LYS B 154 27.16 -12.25 11.24
CA LYS B 154 27.25 -11.37 12.45
C LYS B 154 25.95 -10.59 12.62
N PRO B 155 25.49 -10.37 13.87
CA PRO B 155 24.24 -9.66 14.12
C PRO B 155 24.24 -8.24 13.55
N LYS B 156 23.18 -7.86 12.86
CA LYS B 156 22.95 -6.48 12.37
C LYS B 156 21.65 -5.99 12.99
N ILE B 157 21.74 -5.08 13.94
CA ILE B 157 20.63 -4.65 14.83
C ILE B 157 20.22 -3.23 14.45
N PHE B 158 18.98 -3.05 14.00
CA PHE B 158 18.38 -1.71 13.77
C PHE B 158 17.34 -1.43 14.85
N ILE B 159 17.42 -0.25 15.45
CA ILE B 159 16.46 0.24 16.49
C ILE B 159 15.79 1.50 15.93
N ILE B 160 14.45 1.51 15.88
CA ILE B 160 13.69 2.57 15.16
C ILE B 160 12.62 3.15 16.08
N GLN B 161 12.88 4.37 16.54
CA GLN B 161 11.91 5.22 17.24
C GLN B 161 11.43 6.23 16.20
N ALA B 162 10.34 5.90 15.53
CA ALA B 162 9.76 6.74 14.46
C ALA B 162 8.25 6.52 14.42
N ALA B 163 7.54 7.63 14.34
CA ALA B 163 6.07 7.65 14.30
C ALA B 163 5.60 8.82 13.43
N ARG B 164 4.29 9.09 13.43
CA ARG B 164 3.61 10.10 12.58
C ARG B 164 3.76 11.50 13.23
N GLY B 165 4.34 12.44 12.47
CA GLY B 165 4.43 13.86 12.84
C GLY B 165 3.07 14.50 13.02
N ASN B 166 2.77 14.88 14.27
CA ASN B 166 1.43 15.02 14.89
C ASN B 166 0.68 16.26 14.39
N GLN B 167 1.25 17.48 14.51
CA GLN B 167 0.49 18.74 14.71
C GLN B 167 -0.77 18.76 13.83
N THR B 187 6.64 22.09 31.32
CA THR B 187 8.11 22.04 31.09
C THR B 187 8.49 20.68 30.45
N ASN B 188 8.35 19.57 31.18
CA ASN B 188 8.42 18.16 30.67
C ASN B 188 6.99 17.65 30.36
N ILE B 189 6.48 17.94 29.15
CA ILE B 189 5.19 17.44 28.61
C ILE B 189 5.43 16.05 28.01
N THR B 190 4.42 15.19 28.01
CA THR B 190 4.42 13.90 27.29
C THR B 190 3.68 14.06 25.96
N GLU B 191 4.37 13.99 24.82
CA GLU B 191 3.73 14.05 23.47
C GLU B 191 3.44 12.61 23.03
N VAL B 192 2.33 12.39 22.34
CA VAL B 192 1.93 11.04 21.86
C VAL B 192 1.72 11.09 20.34
N ASP B 193 2.37 10.17 19.64
CA ASP B 193 2.29 9.99 18.17
C ASP B 193 1.60 8.65 17.88
N ALA B 194 0.89 8.56 16.79
CA ALA B 194 0.34 7.28 16.31
C ALA B 194 1.48 6.49 15.67
N ALA B 195 1.49 5.17 15.87
CA ALA B 195 2.36 4.24 15.14
C ALA B 195 2.18 4.50 13.64
N SER B 196 3.29 4.46 12.89
CA SER B 196 3.24 4.74 11.42
C SER B 196 4.23 3.89 10.65
N VAL B 197 5.33 3.46 11.27
CA VAL B 197 6.43 2.72 10.57
C VAL B 197 6.14 1.22 10.69
N TYR B 198 6.05 0.58 9.54
CA TYR B 198 5.87 -0.88 9.38
C TYR B 198 7.00 -1.60 10.12
N THR B 199 6.63 -2.62 10.89
CA THR B 199 7.55 -3.49 11.68
C THR B 199 8.15 -4.55 10.74
N LEU B 200 9.05 -4.12 9.85
CA LEU B 200 9.64 -4.90 8.74
C LEU B 200 10.73 -5.82 9.25
N PRO B 201 10.91 -6.96 8.57
CA PRO B 201 12.06 -7.84 8.85
C PRO B 201 13.20 -7.28 7.99
N ALA B 202 14.36 -7.94 7.88
CA ALA B 202 15.44 -7.32 7.09
C ALA B 202 16.35 -8.33 6.40
N GLY B 203 16.43 -9.57 6.86
CA GLY B 203 17.42 -10.51 6.29
C GLY B 203 18.14 -11.33 7.34
N ALA B 204 18.84 -12.37 6.89
CA ALA B 204 19.47 -13.33 7.82
C ALA B 204 20.37 -12.52 8.75
N ASP B 205 20.19 -12.72 10.05
CA ASP B 205 21.10 -12.22 11.12
C ASP B 205 20.81 -10.74 11.39
N PHE B 206 19.72 -10.20 10.85
CA PHE B 206 19.19 -8.88 11.27
C PHE B 206 18.21 -9.03 12.42
N LEU B 207 18.19 -8.04 13.32
CA LEU B 207 17.20 -7.86 14.40
C LEU B 207 16.64 -6.44 14.26
N MET B 208 15.38 -6.30 13.86
CA MET B 208 14.72 -4.99 13.69
C MET B 208 13.88 -4.73 14.95
N CYS B 209 14.16 -3.64 15.67
CA CYS B 209 13.54 -3.27 16.96
C CYS B 209 12.72 -2.00 16.79
N TYR B 210 11.45 -2.02 17.20
CA TYR B 210 10.46 -0.95 16.92
C TYR B 210 9.87 -0.42 18.22
N SER B 211 9.87 0.90 18.40
CA SER B 211 9.25 1.62 19.56
C SER B 211 7.78 1.22 19.74
N VAL B 212 7.05 0.99 18.65
CA VAL B 212 5.58 0.83 18.68
C VAL B 212 5.08 0.02 17.47
N ALA B 213 4.02 -0.74 17.70
CA ALA B 213 3.38 -1.64 16.71
C ALA B 213 2.10 -1.00 16.16
N GLU B 214 1.59 -1.54 15.05
CA GLU B 214 0.35 -1.06 14.38
C GLU B 214 -0.77 -0.95 15.42
N GLY B 215 -1.50 0.17 15.38
CA GLY B 215 -2.65 0.45 16.24
C GLY B 215 -2.30 0.97 17.63
N TYR B 216 -1.02 1.02 18.00
CA TYR B 216 -0.59 1.53 19.34
C TYR B 216 -0.02 2.93 19.16
N TYR B 217 0.40 3.56 20.26
CA TYR B 217 0.88 4.96 20.25
C TYR B 217 2.25 5.04 20.93
N SER B 218 3.12 5.89 20.41
CA SER B 218 4.49 6.11 20.91
C SER B 218 4.50 7.42 21.72
N HIS B 219 5.18 7.41 22.85
CA HIS B 219 5.21 8.53 23.83
C HIS B 219 6.64 9.12 23.89
N ARG B 220 6.76 10.46 23.87
CA ARG B 220 8.04 11.17 24.08
C ARG B 220 7.83 12.28 25.11
N GLU B 221 8.54 12.19 26.24
CA GLU B 221 8.66 13.23 27.29
C GLU B 221 9.67 14.25 26.74
N THR B 222 9.37 15.55 26.81
CA THR B 222 10.15 16.60 26.08
C THR B 222 11.51 16.83 26.73
N VAL B 223 11.73 16.34 27.95
CA VAL B 223 13.06 16.40 28.62
C VAL B 223 13.63 14.98 28.73
N ASN B 224 12.84 14.04 29.24
CA ASN B 224 13.31 12.67 29.59
C ASN B 224 13.46 11.77 28.36
N GLY B 225 12.79 12.09 27.25
CA GLY B 225 12.84 11.33 26.00
C GLY B 225 11.75 10.28 25.87
N SER B 226 11.85 9.47 24.82
CA SER B 226 10.86 8.45 24.39
C SER B 226 10.73 7.35 25.45
N TRP B 227 9.51 6.94 25.78
CA TRP B 227 9.23 5.83 26.73
C TRP B 227 10.06 4.62 26.30
N TYR B 228 10.01 4.27 25.03
CA TYR B 228 10.69 3.06 24.48
C TYR B 228 12.17 3.15 24.81
N ILE B 229 12.78 4.30 24.55
CA ILE B 229 14.26 4.42 24.61
C ILE B 229 14.69 4.56 26.07
N GLN B 230 13.88 5.21 26.90
CA GLN B 230 14.14 5.24 28.36
C GLN B 230 14.23 3.80 28.87
N ASP B 231 13.24 2.98 28.55
CA ASP B 231 13.12 1.60 29.10
C ASP B 231 14.20 0.73 28.46
N LEU B 232 14.47 0.89 27.16
CA LEU B 232 15.59 0.16 26.52
C LEU B 232 16.87 0.47 27.28
N CYS B 233 17.15 1.75 27.49
CA CYS B 233 18.42 2.22 28.10
C CYS B 233 18.50 1.74 29.55
N GLU B 234 17.41 1.80 30.30
CA GLU B 234 17.37 1.27 31.69
C GLU B 234 17.76 -0.21 31.67
N MET B 235 17.18 -1.00 30.76
CA MET B 235 17.45 -2.46 30.69
C MET B 235 18.89 -2.70 30.23
N LEU B 236 19.42 -1.90 29.30
CA LEU B 236 20.82 -2.03 28.86
C LEU B 236 21.74 -1.81 30.07
N GLY B 237 21.46 -0.79 30.87
CA GLY B 237 22.25 -0.50 32.09
C GLY B 237 22.25 -1.66 33.07
N LYS B 238 21.07 -2.09 33.51
CA LYS B 238 20.94 -3.20 34.48
C LYS B 238 21.46 -4.51 33.87
N TYR B 239 21.16 -4.85 32.61
CA TYR B 239 21.25 -6.25 32.11
C TYR B 239 21.99 -6.40 30.77
N GLY B 240 22.35 -5.31 30.09
CA GLY B 240 22.99 -5.35 28.76
C GLY B 240 24.11 -6.37 28.69
N SER B 241 24.95 -6.44 29.72
CA SER B 241 26.23 -7.19 29.70
C SER B 241 26.02 -8.65 30.15
N SER B 242 24.80 -9.06 30.51
CA SER B 242 24.53 -10.43 31.03
C SER B 242 23.44 -11.15 30.19
N LEU B 243 22.30 -10.52 29.98
CA LEU B 243 21.11 -11.14 29.33
C LEU B 243 21.31 -11.25 27.82
N GLU B 244 20.75 -12.31 27.25
CA GLU B 244 20.57 -12.49 25.78
C GLU B 244 19.75 -11.30 25.28
N PHE B 245 20.08 -10.73 24.12
CA PHE B 245 19.58 -9.39 23.76
C PHE B 245 18.07 -9.45 23.49
N THR B 246 17.54 -10.54 22.91
CA THR B 246 16.09 -10.69 22.66
C THR B 246 15.37 -10.83 24.02
N GLU B 247 15.99 -11.46 25.03
CA GLU B 247 15.43 -11.56 26.41
C GLU B 247 15.25 -10.14 26.95
N LEU B 248 16.27 -9.31 26.73
CA LEU B 248 16.30 -7.90 27.20
C LEU B 248 15.17 -7.13 26.51
N LEU B 249 15.07 -7.25 25.18
CA LEU B 249 14.04 -6.53 24.39
C LEU B 249 12.63 -6.95 24.87
N THR B 250 12.49 -8.18 25.36
CA THR B 250 11.22 -8.73 25.91
C THR B 250 10.91 -7.99 27.22
N LEU B 251 11.93 -7.80 28.08
CA LEU B 251 11.81 -6.92 29.28
C LEU B 251 11.31 -5.55 28.84
N VAL B 252 11.86 -5.01 27.77
CA VAL B 252 11.47 -3.65 27.30
C VAL B 252 10.00 -3.68 26.87
N ASN B 253 9.55 -4.75 26.25
CA ASN B 253 8.14 -4.92 25.85
C ASN B 253 7.29 -4.86 27.12
N ARG B 254 7.68 -5.58 28.17
CA ARG B 254 6.92 -5.59 29.44
C ARG B 254 6.90 -4.17 30.02
N LYS B 255 8.07 -3.55 30.21
CA LYS B 255 8.18 -2.22 30.87
C LYS B 255 7.25 -1.23 30.16
N VAL B 256 7.33 -1.13 28.84
CA VAL B 256 6.60 -0.11 28.06
C VAL B 256 5.09 -0.43 28.08
N SER B 257 4.72 -1.70 27.94
CA SER B 257 3.31 -2.16 27.90
C SER B 257 2.61 -1.83 29.23
N GLN B 258 3.36 -1.93 30.34
CA GLN B 258 2.88 -1.70 31.73
C GLN B 258 2.76 -0.21 32.08
N ARG B 259 3.35 0.71 31.31
CA ARG B 259 3.20 2.17 31.56
C ARG B 259 1.73 2.55 31.40
N ARG B 260 1.16 3.17 32.44
CA ARG B 260 -0.29 3.41 32.61
C ARG B 260 -0.66 4.69 31.85
N VAL B 261 -1.86 4.69 31.26
CA VAL B 261 -2.27 5.72 30.28
C VAL B 261 -3.76 6.06 30.52
N ASP B 262 -4.25 5.87 31.75
CA ASP B 262 -5.65 6.11 32.19
C ASP B 262 -5.77 7.50 32.87
N PHE B 263 -4.74 7.96 33.58
CA PHE B 263 -4.70 9.25 34.31
C PHE B 263 -3.65 10.14 33.66
N CYS B 264 -4.03 10.85 32.59
CA CYS B 264 -3.15 11.72 31.77
C CYS B 264 -3.58 13.20 31.90
N LYS B 265 -2.62 14.12 31.95
CA LYS B 265 -2.87 15.58 31.96
C LYS B 265 -3.69 15.97 30.73
N ASP B 266 -3.32 15.48 29.55
CA ASP B 266 -4.15 15.64 28.32
C ASP B 266 -5.24 14.58 28.37
N PRO B 267 -6.55 14.95 28.33
CA PRO B 267 -7.63 13.97 28.26
C PRO B 267 -7.59 13.08 27.01
N SER B 268 -7.28 13.66 25.83
CA SER B 268 -7.28 12.97 24.51
C SER B 268 -6.19 11.90 24.43
N ALA B 269 -5.21 11.90 25.36
CA ALA B 269 -4.08 10.94 25.40
C ALA B 269 -4.44 9.69 26.21
N ILE B 270 -5.67 9.59 26.74
CA ILE B 270 -6.12 8.49 27.64
C ILE B 270 -6.42 7.23 26.82
N GLY B 271 -5.98 6.06 27.30
CA GLY B 271 -6.19 4.75 26.65
C GLY B 271 -5.35 4.54 25.40
N LYS B 272 -4.40 5.45 25.13
CA LYS B 272 -3.43 5.35 24.01
C LYS B 272 -2.23 4.51 24.48
N LYS B 273 -2.38 3.19 24.54
CA LYS B 273 -1.35 2.26 25.08
C LYS B 273 -0.15 2.19 24.12
N GLN B 274 1.00 1.81 24.65
CA GLN B 274 2.20 1.63 23.81
C GLN B 274 2.68 0.19 23.97
N VAL B 275 2.80 -0.51 22.84
CA VAL B 275 3.43 -1.86 22.81
C VAL B 275 4.52 -1.86 21.76
N PRO B 276 5.80 -2.09 22.14
CA PRO B 276 6.86 -2.19 21.16
C PRO B 276 6.86 -3.63 20.62
N CYS B 277 7.72 -3.90 19.66
CA CYS B 277 8.01 -5.27 19.18
C CYS B 277 9.42 -5.31 18.59
N PHE B 278 9.89 -6.52 18.35
CA PHE B 278 11.09 -6.82 17.54
C PHE B 278 10.76 -7.94 16.57
N ALA B 279 11.33 -7.81 15.39
CA ALA B 279 11.29 -8.81 14.30
C ALA B 279 12.69 -9.43 14.21
N SER B 280 12.84 -10.64 14.73
CA SER B 280 14.14 -11.37 14.73
C SER B 280 14.29 -12.21 13.47
N MET B 281 15.42 -12.06 12.81
CA MET B 281 15.92 -13.00 11.78
CA MET B 281 15.93 -13.01 11.78
C MET B 281 17.27 -13.55 12.27
N LEU B 282 17.53 -13.47 13.57
CA LEU B 282 18.77 -14.01 14.19
C LEU B 282 18.74 -15.53 14.13
N THR B 283 19.92 -16.14 14.09
CA THR B 283 20.13 -17.60 13.97
C THR B 283 20.82 -18.14 15.21
N LYS B 284 21.19 -17.28 16.17
CA LYS B 284 21.93 -17.71 17.37
C LYS B 284 21.58 -16.81 18.55
N LYS B 285 21.88 -17.27 19.76
CA LYS B 285 21.79 -16.45 21.00
C LYS B 285 22.78 -15.29 20.83
N LEU B 286 22.40 -14.08 21.25
CA LEU B 286 23.22 -12.84 21.11
C LEU B 286 23.46 -12.28 22.50
N HIS B 287 24.73 -12.18 22.89
CA HIS B 287 25.16 -11.63 24.21
C HIS B 287 26.21 -10.55 24.00
N PHE B 288 26.23 -9.59 24.92
CA PHE B 288 27.21 -8.47 24.94
C PHE B 288 28.02 -8.56 26.24
N PHE B 289 28.55 -9.75 26.52
CA PHE B 289 29.46 -10.00 27.67
C PHE B 289 30.65 -9.05 27.57
N PRO B 290 31.16 -8.55 28.71
CA PRO B 290 32.29 -7.64 28.73
C PRO B 290 33.46 -8.20 27.92
N LYS B 291 34.08 -7.39 27.06
CA LYS B 291 35.24 -7.83 26.24
C LYS B 291 36.53 -7.77 27.10
N SER B 292 37.38 -8.79 26.97
CA SER B 292 38.65 -8.93 27.75
C SER B 292 39.71 -8.06 27.08
N ASN B 293 40.08 -6.94 27.70
CA ASN B 293 41.07 -5.97 27.13
C ASN B 293 42.21 -6.72 26.42
N MET C 30 -29.92 27.83 -13.10
CA MET C 30 -29.88 27.91 -14.59
C MET C 30 -28.74 27.00 -15.11
N PHE C 31 -28.87 25.68 -14.96
CA PHE C 31 -27.80 24.65 -15.13
C PHE C 31 -27.48 24.40 -16.62
N ASP C 32 -26.20 24.38 -16.97
CA ASP C 32 -25.72 24.36 -18.38
C ASP C 32 -24.85 23.12 -18.60
N PRO C 33 -25.27 22.16 -19.46
CA PRO C 33 -24.47 20.96 -19.69
C PRO C 33 -23.18 21.21 -20.47
N ALA C 34 -22.97 22.42 -20.97
CA ALA C 34 -21.80 22.76 -21.81
C ALA C 34 -20.93 23.81 -21.09
N GLU C 35 -21.15 24.01 -19.78
CA GLU C 35 -20.37 25.00 -18.98
C GLU C 35 -18.88 24.74 -19.19
N LYS C 36 -18.15 25.81 -19.53
CA LYS C 36 -16.67 25.82 -19.69
C LYS C 36 -16.05 26.53 -18.48
N TYR C 37 -14.86 26.11 -18.06
CA TYR C 37 -14.03 26.90 -17.13
C TYR C 37 -13.86 28.28 -17.76
N LYS C 38 -13.98 29.33 -16.94
CA LYS C 38 -13.73 30.75 -17.32
C LYS C 38 -12.24 30.87 -17.71
N MET C 39 -11.95 31.03 -19.00
CA MET C 39 -10.54 31.11 -19.53
C MET C 39 -10.31 32.45 -20.22
N ASP C 40 -10.85 33.55 -19.66
CA ASP C 40 -10.83 34.94 -20.19
C ASP C 40 -10.11 35.88 -19.20
N HIS C 41 -9.22 35.36 -18.36
CA HIS C 41 -8.33 36.18 -17.48
C HIS C 41 -7.23 36.83 -18.32
N ARG C 42 -6.52 37.78 -17.74
CA ARG C 42 -5.48 38.56 -18.45
C ARG C 42 -4.42 37.60 -19.02
N ARG C 43 -3.85 36.70 -18.18
CA ARG C 43 -2.80 35.74 -18.62
C ARG C 43 -3.32 34.30 -18.50
N ARG C 44 -2.74 33.37 -19.26
CA ARG C 44 -3.11 31.93 -19.22
C ARG C 44 -2.73 31.34 -17.86
N GLY C 45 -1.47 31.58 -17.46
CA GLY C 45 -0.91 31.13 -16.17
C GLY C 45 0.45 30.47 -16.32
N ILE C 46 0.97 29.90 -15.24
CA ILE C 46 2.33 29.29 -15.23
C ILE C 46 2.22 27.80 -15.60
N ALA C 47 3.19 27.30 -16.37
CA ALA C 47 3.51 25.87 -16.54
C ALA C 47 4.89 25.60 -15.95
N LEU C 48 4.95 25.04 -14.75
CA LEU C 48 6.20 24.46 -14.17
C LEU C 48 6.59 23.20 -14.94
N ILE C 49 7.87 23.05 -15.23
CA ILE C 49 8.44 21.77 -15.73
C ILE C 49 9.65 21.41 -14.88
N PHE C 50 9.54 20.35 -14.11
CA PHE C 50 10.65 19.75 -13.35
C PHE C 50 11.22 18.60 -14.18
N ASN C 51 12.47 18.78 -14.61
CA ASN C 51 13.10 17.91 -15.61
C ASN C 51 14.31 17.25 -14.96
N HIS C 52 14.30 15.92 -14.88
CA HIS C 52 15.29 15.10 -14.13
C HIS C 52 15.94 14.11 -15.10
N GLU C 53 17.23 14.33 -15.37
CA GLU C 53 18.06 13.53 -16.32
C GLU C 53 18.98 12.58 -15.54
N ARG C 54 19.53 13.04 -14.41
CA ARG C 54 20.59 12.34 -13.63
C ARG C 54 20.17 12.36 -12.16
N PHE C 55 20.75 11.46 -11.36
CA PHE C 55 20.34 11.25 -9.95
C PHE C 55 21.57 11.02 -9.08
N PHE C 56 21.51 11.47 -7.83
CA PHE C 56 22.48 11.15 -6.76
C PHE C 56 22.93 9.68 -6.91
N TRP C 57 24.24 9.42 -6.82
CA TRP C 57 24.82 8.05 -6.98
C TRP C 57 23.99 7.05 -6.16
N HIS C 58 23.78 7.29 -4.85
CA HIS C 58 23.27 6.27 -3.89
C HIS C 58 21.79 5.98 -4.09
N LEU C 59 21.17 6.54 -5.13
CA LEU C 59 19.78 6.21 -5.52
C LEU C 59 19.77 5.03 -6.49
N THR C 60 20.88 4.76 -7.18
CA THR C 60 21.00 3.64 -8.17
C THR C 60 19.86 3.80 -9.18
N LEU C 61 19.75 4.98 -9.81
CA LEU C 61 18.72 5.28 -10.84
C LEU C 61 19.45 5.66 -12.12
N PRO C 62 19.01 5.15 -13.27
CA PRO C 62 19.68 5.43 -14.54
C PRO C 62 19.41 6.84 -15.07
N GLU C 63 20.35 7.38 -15.84
CA GLU C 63 20.15 8.59 -16.66
C GLU C 63 18.85 8.41 -17.47
N ARG C 64 18.14 9.50 -17.72
CA ARG C 64 16.91 9.51 -18.53
C ARG C 64 17.26 10.27 -19.84
N ARG C 65 18.19 9.73 -20.62
CA ARG C 65 18.63 10.35 -21.90
C ARG C 65 17.38 10.53 -22.78
N GLY C 66 17.11 11.77 -23.20
CA GLY C 66 15.95 12.12 -24.03
C GLY C 66 15.01 13.08 -23.32
N THR C 67 15.10 13.18 -21.99
CA THR C 67 14.14 13.98 -21.19
C THR C 67 14.22 15.45 -21.62
N CYS C 68 15.39 15.90 -22.08
CA CYS C 68 15.58 17.31 -22.55
C CYS C 68 14.73 17.53 -23.82
N ALA C 69 14.59 16.54 -24.70
CA ALA C 69 13.69 16.68 -25.86
C ALA C 69 12.27 16.93 -25.33
N ASP C 70 11.87 16.17 -24.31
CA ASP C 70 10.52 16.26 -23.69
C ASP C 70 10.35 17.68 -23.15
N ARG C 71 11.31 18.18 -22.38
CA ARG C 71 11.29 19.52 -21.76
C ARG C 71 11.13 20.59 -22.85
N ASP C 72 11.86 20.47 -23.95
CA ASP C 72 11.91 21.54 -24.99
C ASP C 72 10.58 21.51 -25.76
N ASN C 73 10.07 20.32 -26.04
CA ASN C 73 8.80 20.07 -26.78
C ASN C 73 7.63 20.62 -25.95
N LEU C 74 7.58 20.25 -24.67
CA LEU C 74 6.54 20.72 -23.72
C LEU C 74 6.63 22.24 -23.63
N THR C 75 7.86 22.78 -23.51
CA THR C 75 8.06 24.24 -23.34
C THR C 75 7.46 24.98 -24.54
N ARG C 76 7.75 24.50 -25.74
CA ARG C 76 7.25 25.15 -26.98
C ARG C 76 5.71 25.08 -27.01
N ARG C 77 5.14 23.91 -26.78
CA ARG C 77 3.68 23.68 -27.01
C ARG C 77 2.85 24.46 -25.99
N PHE C 78 3.34 24.53 -24.75
CA PHE C 78 2.63 25.23 -23.67
C PHE C 78 2.83 26.74 -23.84
N SER C 79 3.99 27.18 -24.32
CA SER C 79 4.23 28.61 -24.68
C SER C 79 3.19 29.04 -25.72
N ASP C 80 3.02 28.27 -26.79
CA ASP C 80 2.09 28.63 -27.90
C ASP C 80 0.64 28.68 -27.41
N LEU C 81 0.30 28.05 -26.28
CA LEU C 81 -1.07 28.14 -25.71
C LEU C 81 -1.14 29.27 -24.67
N GLY C 82 -0.06 30.06 -24.54
CA GLY C 82 -0.05 31.30 -23.76
C GLY C 82 0.52 31.14 -22.36
N PHE C 83 1.08 29.99 -22.01
CA PHE C 83 1.65 29.76 -20.66
C PHE C 83 2.99 30.49 -20.55
N GLU C 84 3.27 31.07 -19.39
CA GLU C 84 4.63 31.43 -18.93
C GLU C 84 5.26 30.11 -18.48
N VAL C 85 6.15 29.51 -19.28
CA VAL C 85 6.79 28.21 -18.94
C VAL C 85 8.04 28.45 -18.10
N LYS C 86 8.13 27.85 -16.92
CA LYS C 86 9.33 27.92 -16.05
C LYS C 86 9.88 26.50 -15.88
N CYS C 87 11.05 26.21 -16.48
CA CYS C 87 11.77 24.88 -16.41
C CYS C 87 12.81 24.90 -15.30
N PHE C 88 13.02 23.76 -14.62
CA PHE C 88 14.07 23.55 -13.60
C PHE C 88 14.67 22.15 -13.75
N ASN C 89 16.00 22.10 -13.86
CA ASN C 89 16.79 20.89 -14.21
C ASN C 89 17.43 20.34 -12.94
N ASP C 90 17.15 19.08 -12.64
CA ASP C 90 17.86 18.25 -11.63
C ASP C 90 17.91 18.96 -10.27
N LEU C 91 16.79 19.53 -9.83
CA LEU C 91 16.69 20.14 -8.47
C LEU C 91 16.74 19.03 -7.43
N LYS C 92 17.49 19.25 -6.35
CA LYS C 92 17.44 18.45 -5.10
C LYS C 92 16.08 18.72 -4.45
N ALA C 93 15.65 17.87 -3.51
CA ALA C 93 14.29 17.91 -2.93
C ALA C 93 14.03 19.29 -2.31
N GLU C 94 14.96 19.80 -1.51
CA GLU C 94 14.77 21.10 -0.82
C GLU C 94 14.52 22.21 -1.84
N GLU C 95 15.30 22.26 -2.92
CA GLU C 95 15.19 23.34 -3.94
C GLU C 95 13.84 23.23 -4.63
N LEU C 96 13.41 22.00 -4.93
CA LEU C 96 12.16 21.73 -5.68
C LEU C 96 11.00 22.19 -4.82
N LEU C 97 10.95 21.75 -3.57
CA LEU C 97 9.92 22.17 -2.61
C LEU C 97 9.92 23.71 -2.50
N LEU C 98 11.09 24.36 -2.39
CA LEU C 98 11.16 25.84 -2.35
C LEU C 98 10.51 26.40 -3.63
N LYS C 99 10.90 25.94 -4.81
CA LYS C 99 10.43 26.59 -6.06
C LYS C 99 8.92 26.39 -6.15
N ILE C 100 8.44 25.21 -5.81
CA ILE C 100 7.02 24.89 -6.07
C ILE C 100 6.17 25.59 -5.00
N HIS C 101 6.67 25.69 -3.78
CA HIS C 101 6.00 26.44 -2.68
C HIS C 101 5.92 27.94 -3.05
N GLU C 102 7.02 28.53 -3.49
CA GLU C 102 7.10 29.91 -4.06
C GLU C 102 5.91 30.10 -5.00
N VAL C 103 5.84 29.30 -6.06
CA VAL C 103 4.80 29.41 -7.12
C VAL C 103 3.41 29.26 -6.51
N SER C 104 3.27 28.47 -5.44
CA SER C 104 1.94 28.17 -4.85
C SER C 104 1.43 29.38 -4.05
N THR C 105 2.31 30.26 -3.59
CA THR C 105 1.97 31.36 -2.62
C THR C 105 2.00 32.73 -3.29
N VAL C 106 2.60 32.86 -4.46
CA VAL C 106 2.39 33.99 -5.41
C VAL C 106 0.89 33.99 -5.79
N SER C 107 0.37 35.10 -6.33
CA SER C 107 -1.04 35.24 -6.75
C SER C 107 -1.23 34.74 -8.18
N HIS C 108 -2.26 33.94 -8.42
CA HIS C 108 -2.72 33.49 -9.77
C HIS C 108 -4.06 34.16 -10.09
N ALA C 109 -4.44 35.19 -9.34
CA ALA C 109 -5.77 35.84 -9.43
C ALA C 109 -6.09 36.22 -10.88
N ASP C 110 -5.11 36.65 -11.67
CA ASP C 110 -5.29 37.13 -13.06
C ASP C 110 -4.96 36.02 -14.05
N ALA C 111 -5.02 34.74 -13.63
CA ALA C 111 -4.61 33.58 -14.45
C ALA C 111 -5.80 32.63 -14.68
N ASP C 112 -5.80 32.01 -15.85
CA ASP C 112 -6.80 30.99 -16.26
C ASP C 112 -6.62 29.71 -15.44
N CYS C 113 -5.39 29.23 -15.31
CA CYS C 113 -5.12 27.89 -14.75
C CYS C 113 -3.64 27.74 -14.35
N PHE C 114 -3.28 26.54 -13.93
CA PHE C 114 -1.91 26.15 -13.53
C PHE C 114 -1.63 24.77 -14.10
N VAL C 115 -0.46 24.62 -14.71
CA VAL C 115 0.08 23.34 -15.24
C VAL C 115 1.40 23.06 -14.52
N CYS C 116 1.60 21.82 -14.11
CA CYS C 116 2.86 21.38 -13.48
C CYS C 116 3.23 20.03 -14.08
N VAL C 117 4.45 19.90 -14.59
CA VAL C 117 4.94 18.66 -15.27
C VAL C 117 6.14 18.10 -14.51
N PHE C 118 6.14 16.79 -14.27
CA PHE C 118 7.28 16.02 -13.72
C PHE C 118 7.76 15.03 -14.76
N LEU C 119 9.04 15.17 -15.13
CA LEU C 119 9.80 14.23 -15.98
C LEU C 119 10.88 13.66 -15.09
N SER C 120 10.65 12.48 -14.52
CA SER C 120 11.61 11.83 -13.60
C SER C 120 11.32 10.34 -13.50
N HIS C 121 11.94 9.69 -12.53
CA HIS C 121 11.52 8.36 -12.04
C HIS C 121 10.48 8.57 -10.95
N GLY C 122 9.68 7.55 -10.65
CA GLY C 122 8.75 7.53 -9.52
C GLY C 122 8.53 6.14 -8.99
N GLU C 123 7.82 6.05 -7.86
CA GLU C 123 7.40 4.79 -7.19
C GLU C 123 6.17 5.15 -6.36
N GLY C 124 5.05 4.47 -6.59
CA GLY C 124 3.82 4.56 -5.78
C GLY C 124 3.30 5.98 -5.71
N ASN C 125 3.38 6.61 -4.55
CA ASN C 125 2.88 7.98 -4.29
C ASN C 125 3.96 9.03 -4.56
N HIS C 126 5.12 8.64 -5.08
CA HIS C 126 6.35 9.45 -5.03
C HIS C 126 6.88 9.73 -6.43
N ILE C 127 7.41 10.93 -6.60
CA ILE C 127 8.27 11.34 -7.74
C ILE C 127 9.70 11.44 -7.19
N TYR C 128 10.71 11.26 -8.03
CA TYR C 128 12.12 11.45 -7.62
C TYR C 128 12.59 12.84 -8.03
N ALA C 129 13.05 13.60 -7.04
CA ALA C 129 14.02 14.71 -7.21
C ALA C 129 15.40 14.09 -7.44
N TYR C 130 16.45 14.90 -7.56
CA TYR C 130 17.83 14.43 -7.83
C TYR C 130 18.30 13.50 -6.69
N ASP C 131 17.88 13.80 -5.47
CA ASP C 131 18.54 13.22 -4.27
C ASP C 131 17.59 12.36 -3.43
N ALA C 132 16.28 12.43 -3.64
CA ALA C 132 15.28 11.77 -2.78
C ALA C 132 13.90 11.86 -3.40
N LYS C 133 12.97 11.05 -2.87
CA LYS C 133 11.58 11.03 -3.36
C LYS C 133 10.74 12.03 -2.55
N ILE C 134 9.69 12.53 -3.20
CA ILE C 134 8.72 13.49 -2.63
C ILE C 134 7.31 12.93 -2.86
N GLU C 135 6.44 12.99 -1.84
CA GLU C 135 5.02 12.60 -1.98
C GLU C 135 4.39 13.55 -3.01
N ILE C 136 3.79 13.00 -4.05
CA ILE C 136 2.96 13.75 -5.05
C ILE C 136 1.84 14.53 -4.31
N GLN C 137 1.22 13.95 -3.28
CA GLN C 137 0.10 14.58 -2.51
C GLN C 137 0.57 15.94 -1.96
N THR C 138 1.82 16.08 -1.54
CA THR C 138 2.29 17.33 -0.91
C THR C 138 2.59 18.36 -2.00
N LEU C 139 2.93 17.93 -3.22
CA LEU C 139 3.09 18.87 -4.36
C LEU C 139 1.71 19.35 -4.82
N THR C 140 0.74 18.45 -5.02
CA THR C 140 -0.62 18.83 -5.49
C THR C 140 -1.34 19.56 -4.36
N GLY C 141 -1.06 19.21 -3.11
CA GLY C 141 -1.68 19.80 -1.90
C GLY C 141 -1.49 21.30 -1.82
N LEU C 142 -0.36 21.82 -2.31
CA LEU C 142 -0.02 23.25 -2.23
C LEU C 142 -1.03 24.07 -3.04
N PHE C 143 -1.71 23.45 -4.02
CA PHE C 143 -2.63 24.16 -4.96
C PHE C 143 -4.10 23.86 -4.64
N LYS C 144 -4.40 23.13 -3.57
CA LYS C 144 -5.77 22.83 -3.09
C LYS C 144 -6.40 24.15 -2.62
N GLY C 145 -7.70 24.30 -2.85
CA GLY C 145 -8.51 25.47 -2.44
C GLY C 145 -7.98 26.14 -1.19
N ASP C 146 -7.91 25.40 -0.08
CA ASP C 146 -7.49 25.95 1.24
C ASP C 146 -6.27 26.84 1.05
N LYS C 147 -5.23 26.33 0.38
CA LYS C 147 -3.83 26.78 0.47
C LYS C 147 -3.47 27.73 -0.68
N CYS C 148 -4.28 27.80 -1.74
CA CYS C 148 -4.00 28.66 -2.93
C CYS C 148 -5.29 29.29 -3.43
N HIS C 149 -5.75 30.34 -2.76
CA HIS C 149 -7.11 30.92 -2.96
C HIS C 149 -7.29 31.33 -4.42
N SER C 150 -6.25 31.92 -5.02
CA SER C 150 -6.24 32.47 -6.40
C SER C 150 -6.48 31.41 -7.49
N LEU C 151 -6.46 30.11 -7.17
CA LEU C 151 -6.65 29.01 -8.17
C LEU C 151 -7.95 28.25 -7.89
N VAL C 152 -8.64 28.56 -6.79
CA VAL C 152 -9.96 27.93 -6.47
C VAL C 152 -10.87 28.04 -7.69
N GLY C 153 -11.49 26.92 -8.09
CA GLY C 153 -12.46 26.88 -9.20
C GLY C 153 -11.79 27.04 -10.56
N LYS C 154 -10.45 27.02 -10.61
CA LYS C 154 -9.67 27.03 -11.87
C LYS C 154 -8.96 25.67 -12.05
N PRO C 155 -8.81 25.19 -13.31
CA PRO C 155 -8.17 23.91 -13.55
C PRO C 155 -6.72 23.88 -13.05
N LYS C 156 -6.33 22.82 -12.36
CA LYS C 156 -4.94 22.55 -11.93
C LYS C 156 -4.51 21.22 -12.54
N ILE C 157 -3.61 21.27 -13.51
CA ILE C 157 -3.30 20.13 -14.42
C ILE C 157 -1.88 19.67 -14.11
N PHE C 158 -1.72 18.43 -13.65
CA PHE C 158 -0.40 17.80 -13.45
C PHE C 158 -0.23 16.70 -14.51
N ILE C 159 0.92 16.74 -15.17
CA ILE C 159 1.34 15.74 -16.19
C ILE C 159 2.59 15.03 -15.65
N ILE C 160 2.56 13.71 -15.57
CA ILE C 160 3.62 12.93 -14.86
C ILE C 160 4.11 11.82 -15.78
N GLN C 161 5.33 12.01 -16.28
CA GLN C 161 6.10 11.03 -17.04
C GLN C 161 7.12 10.50 -16.04
N ALA C 162 6.76 9.44 -15.33
CA ALA C 162 7.59 8.84 -14.28
C ALA C 162 7.25 7.36 -14.14
N ALA C 163 8.29 6.56 -14.05
CA ALA C 163 8.21 5.08 -13.97
C ALA C 163 9.41 4.57 -13.16
N ARG C 164 9.65 3.26 -13.12
CA ARG C 164 10.71 2.58 -12.34
C ARG C 164 12.01 2.59 -13.17
N GLY C 165 13.08 3.15 -12.65
CA GLY C 165 14.39 3.06 -13.35
C GLY C 165 14.97 1.66 -13.26
N ASN C 166 15.05 0.94 -14.37
CA ASN C 166 15.43 -0.51 -14.44
C ASN C 166 16.95 -0.69 -14.30
N GLN C 167 17.76 0.12 -15.00
CA GLN C 167 19.20 -0.11 -15.34
C GLN C 167 19.27 -1.09 -16.52
N THR C 187 22.46 5.16 -31.82
CA THR C 187 22.33 6.62 -31.56
C THR C 187 21.02 6.87 -30.78
N ASN C 188 19.86 6.67 -31.42
CA ASN C 188 18.48 6.83 -30.84
C ASN C 188 17.95 5.44 -30.44
N ILE C 189 18.29 4.97 -29.25
CA ILE C 189 17.77 3.70 -28.65
C ILE C 189 16.42 4.02 -27.98
N THR C 190 15.53 3.03 -27.92
CA THR C 190 14.25 3.10 -27.17
C THR C 190 14.43 2.39 -25.82
N GLU C 191 14.41 3.11 -24.70
CA GLU C 191 14.49 2.54 -23.33
C GLU C 191 13.07 2.32 -22.81
N VAL C 192 12.85 1.25 -22.06
CA VAL C 192 11.50 0.88 -21.57
C VAL C 192 11.52 0.66 -20.05
N ASP C 193 10.60 1.30 -19.34
CA ASP C 193 10.45 1.25 -17.86
C ASP C 193 9.11 0.61 -17.53
N ALA C 194 9.04 -0.12 -16.43
CA ALA C 194 7.75 -0.63 -15.90
C ALA C 194 6.99 0.51 -15.25
N ALA C 195 5.67 0.56 -15.42
CA ALA C 195 4.78 1.48 -14.67
C ALA C 195 5.05 1.31 -13.18
N SER C 196 5.07 2.39 -12.42
CA SER C 196 5.36 2.34 -10.96
C SER C 196 4.56 3.37 -10.17
N VAL C 197 4.16 4.48 -10.79
CA VAL C 197 3.49 5.62 -10.09
C VAL C 197 1.98 5.41 -10.14
N TYR C 198 1.37 5.37 -8.97
CA TYR C 198 -0.10 5.26 -8.79
C TYR C 198 -0.79 6.40 -9.53
N THR C 199 -1.79 6.06 -10.34
CA THR C 199 -2.55 6.99 -11.22
C THR C 199 -3.68 7.65 -10.42
N LEU C 200 -3.33 8.49 -9.45
CA LEU C 200 -4.28 9.04 -8.45
C LEU C 200 -4.98 10.28 -8.99
N PRO C 201 -6.18 10.60 -8.48
CA PRO C 201 -6.78 11.93 -8.66
C PRO C 201 -6.15 12.83 -7.58
N ALA C 202 -6.58 14.07 -7.42
CA ALA C 202 -5.86 15.03 -6.55
C ALA C 202 -6.78 16.03 -5.84
N GLY C 203 -8.03 16.16 -6.23
CA GLY C 203 -8.96 17.12 -5.61
C GLY C 203 -9.79 17.88 -6.63
N ALA C 204 -10.85 18.52 -6.17
CA ALA C 204 -11.75 19.32 -7.03
C ALA C 204 -10.91 20.19 -7.96
N ASP C 205 -11.17 20.06 -9.26
CA ASP C 205 -10.67 20.94 -10.34
C ASP C 205 -9.21 20.60 -10.66
N PHE C 206 -8.69 19.49 -10.15
CA PHE C 206 -7.41 18.90 -10.65
C PHE C 206 -7.68 17.90 -11.77
N LEU C 207 -6.73 17.84 -12.71
CA LEU C 207 -6.65 16.81 -13.78
C LEU C 207 -5.24 16.21 -13.70
N MET C 208 -5.14 14.95 -13.29
CA MET C 208 -3.85 14.24 -13.18
C MET C 208 -3.68 13.37 -14.43
N CYS C 209 -2.60 13.60 -15.18
CA CYS C 209 -2.30 12.95 -16.47
C CYS C 209 -1.04 12.10 -16.32
N TYR C 210 -1.10 10.82 -16.67
CA TYR C 210 -0.03 9.82 -16.42
C TYR C 210 0.41 9.17 -17.74
N SER C 211 1.72 9.14 -17.98
CA SER C 211 2.38 8.49 -19.15
C SER C 211 1.93 7.03 -19.31
N VAL C 212 1.71 6.32 -18.20
CA VAL C 212 1.47 4.86 -18.21
C VAL C 212 0.62 4.44 -17.02
N ALA C 213 -0.18 3.40 -17.22
CA ALA C 213 -1.08 2.80 -16.20
C ALA C 213 -0.46 1.51 -15.63
N GLU C 214 -1.00 1.03 -14.50
CA GLU C 214 -0.56 -0.24 -13.86
C GLU C 214 -0.53 -1.34 -14.93
N GLY C 215 0.55 -2.13 -14.93
CA GLY C 215 0.71 -3.31 -15.81
C GLY C 215 1.22 -2.97 -17.20
N TYR C 216 1.34 -1.69 -17.57
CA TYR C 216 1.88 -1.31 -18.90
C TYR C 216 3.31 -0.80 -18.72
N TYR C 217 3.95 -0.40 -19.82
CA TYR C 217 5.38 0.00 -19.83
C TYR C 217 5.51 1.36 -20.52
N SER C 218 6.42 2.21 -20.03
CA SER C 218 6.67 3.56 -20.56
C SER C 218 7.95 3.53 -21.39
N HIS C 219 7.95 4.21 -22.54
CA HIS C 219 9.02 4.20 -23.56
C HIS C 219 9.65 5.60 -23.68
N ARG C 220 10.99 5.66 -23.75
CA ARG C 220 11.73 6.91 -24.03
C ARG C 220 12.80 6.62 -25.08
N GLU C 221 12.70 7.31 -26.23
CA GLU C 221 13.72 7.36 -27.30
C GLU C 221 14.78 8.35 -26.82
N THR C 222 16.07 8.01 -26.90
CA THR C 222 17.17 8.78 -26.25
C THR C 222 17.38 10.12 -26.94
N VAL C 223 16.85 10.32 -28.15
CA VAL C 223 16.95 11.61 -28.90
C VAL C 223 15.56 12.22 -29.01
N ASN C 224 14.56 11.44 -29.43
CA ASN C 224 13.19 11.95 -29.75
C ASN C 224 12.36 12.19 -28.47
N GLY C 225 12.72 11.53 -27.37
CA GLY C 225 12.02 11.67 -26.08
C GLY C 225 10.93 10.62 -25.87
N SER C 226 10.19 10.79 -24.78
CA SER C 226 9.15 9.85 -24.28
C SER C 226 8.00 9.74 -25.29
N TRP C 227 7.55 8.51 -25.57
CA TRP C 227 6.37 8.26 -26.45
C TRP C 227 5.22 9.14 -25.97
N TYR C 228 4.93 9.14 -24.67
CA TYR C 228 3.75 9.85 -24.12
C TYR C 228 3.88 11.33 -24.46
N ILE C 229 5.05 11.89 -24.25
CA ILE C 229 5.24 13.38 -24.37
C ILE C 229 5.31 13.76 -25.84
N GLN C 230 5.89 12.92 -26.69
CA GLN C 230 5.88 13.16 -28.14
C GLN C 230 4.42 13.30 -28.59
N ASP C 231 3.58 12.32 -28.22
CA ASP C 231 2.18 12.24 -28.70
C ASP C 231 1.37 13.37 -28.05
N LEU C 232 1.59 13.65 -26.77
CA LEU C 232 0.91 14.79 -26.11
C LEU C 232 1.24 16.06 -26.91
N CYS C 233 2.52 16.30 -27.16
CA CYS C 233 3.00 17.54 -27.79
C CYS C 233 2.47 17.62 -29.24
N GLU C 234 2.46 16.51 -29.97
CA GLU C 234 1.88 16.48 -31.34
C GLU C 234 0.43 16.94 -31.27
N MET C 235 -0.35 16.38 -30.33
CA MET C 235 -1.79 16.72 -30.21
C MET C 235 -1.96 18.17 -29.75
N LEU C 236 -1.11 18.67 -28.86
CA LEU C 236 -1.17 20.09 -28.42
C LEU C 236 -0.97 20.99 -29.65
N GLY C 237 0.04 20.69 -30.47
CA GLY C 237 0.33 21.45 -31.69
C GLY C 237 -0.86 21.49 -32.64
N LYS C 238 -1.36 20.34 -33.05
CA LYS C 238 -2.51 20.26 -34.01
C LYS C 238 -3.78 20.81 -33.35
N TYR C 239 -4.09 20.51 -32.09
CA TYR C 239 -5.48 20.64 -31.57
C TYR C 239 -5.58 21.34 -30.21
N GLY C 240 -4.46 21.66 -29.55
CA GLY C 240 -4.46 22.32 -28.22
C GLY C 240 -5.46 23.47 -28.14
N SER C 241 -5.50 24.29 -29.19
CA SER C 241 -6.19 25.59 -29.23
C SER C 241 -7.66 25.45 -29.61
N SER C 242 -8.15 24.24 -29.91
CA SER C 242 -9.56 24.01 -30.34
C SER C 242 -10.26 23.00 -29.43
N LEU C 243 -9.65 21.83 -29.21
CA LEU C 243 -10.31 20.66 -28.56
C LEU C 243 -10.38 20.86 -27.06
N GLU C 244 -11.44 20.35 -26.44
CA GLU C 244 -11.54 20.19 -24.96
C GLU C 244 -10.37 19.31 -24.51
N PHE C 245 -9.76 19.63 -23.37
CA PHE C 245 -8.42 19.08 -23.05
C PHE C 245 -8.52 17.57 -22.76
N THR C 246 -9.60 17.11 -22.15
CA THR C 246 -9.80 15.66 -21.88
C THR C 246 -10.01 14.94 -23.22
N GLU C 247 -10.65 15.58 -24.21
CA GLU C 247 -10.79 15.01 -25.59
C GLU C 247 -9.41 14.78 -26.17
N LEU C 248 -8.53 15.75 -25.97
CA LEU C 248 -7.14 15.74 -26.48
C LEU C 248 -6.40 14.60 -25.81
N LEU C 249 -6.47 14.51 -24.48
CA LEU C 249 -5.79 13.45 -23.70
C LEU C 249 -6.25 12.06 -24.16
N THR C 250 -7.50 11.95 -24.59
CA THR C 250 -8.12 10.70 -25.12
C THR C 250 -7.43 10.36 -26.46
N LEU C 251 -7.23 11.36 -27.34
CA LEU C 251 -6.40 11.20 -28.55
C LEU C 251 -5.02 10.67 -28.16
N VAL C 252 -4.42 11.22 -27.11
CA VAL C 252 -3.07 10.78 -26.68
C VAL C 252 -3.12 9.32 -26.22
N ASN C 253 -4.20 8.92 -25.56
CA ASN C 253 -4.40 7.50 -25.15
C ASN C 253 -4.40 6.64 -26.41
N ARG C 254 -5.15 7.04 -27.45
CA ARG C 254 -5.21 6.26 -28.70
C ARG C 254 -3.81 6.21 -29.33
N LYS C 255 -3.17 7.35 -29.54
CA LYS C 255 -1.87 7.43 -30.25
C LYS C 255 -0.88 6.48 -29.57
N VAL C 256 -0.76 6.57 -28.25
CA VAL C 256 0.29 5.82 -27.50
C VAL C 256 -0.07 4.32 -27.51
N SER C 257 -1.34 3.99 -27.32
CA SER C 257 -1.85 2.59 -27.28
C SER C 257 -1.56 1.88 -28.61
N GLN C 258 -1.69 2.61 -29.73
CA GLN C 258 -1.53 2.12 -31.13
C GLN C 258 -0.05 1.95 -31.52
N ARG C 259 0.91 2.51 -30.79
CA ARG C 259 2.35 2.31 -31.09
C ARG C 259 2.67 0.83 -30.92
N ARG C 260 3.23 0.22 -31.97
CA ARG C 260 3.43 -1.26 -32.10
C ARG C 260 4.73 -1.62 -31.40
N VAL C 261 4.75 -2.80 -30.78
CA VAL C 261 5.84 -3.23 -29.86
C VAL C 261 6.15 -4.72 -30.09
N ASP C 262 5.92 -5.21 -31.32
CA ASP C 262 6.12 -6.63 -31.73
C ASP C 262 7.47 -6.81 -32.43
N PHE C 263 7.95 -5.81 -33.19
CA PHE C 263 9.24 -5.85 -33.94
C PHE C 263 10.21 -4.85 -33.33
N CYS C 264 10.92 -5.23 -32.25
CA CYS C 264 11.84 -4.37 -31.47
C CYS C 264 13.30 -4.85 -31.59
N LYS C 265 14.26 -3.93 -31.67
CA LYS C 265 15.72 -4.25 -31.70
C LYS C 265 16.09 -5.06 -30.45
N ASP C 266 15.63 -4.66 -29.26
CA ASP C 266 15.77 -5.49 -28.04
C ASP C 266 14.66 -6.55 -28.07
N PRO C 267 14.98 -7.86 -28.03
CA PRO C 267 13.95 -8.90 -27.92
C PRO C 267 13.09 -8.80 -26.66
N SER C 268 13.69 -8.51 -25.50
CA SER C 268 13.02 -8.47 -24.16
C SER C 268 12.01 -7.32 -24.06
N ALA C 269 12.04 -6.36 -24.98
CA ALA C 269 11.13 -5.19 -25.04
C ALA C 269 9.83 -5.51 -25.82
N ILE C 270 9.68 -6.73 -26.33
CA ILE C 270 8.56 -7.14 -27.23
C ILE C 270 7.31 -7.40 -26.37
N GLY C 271 6.14 -6.93 -26.84
CA GLY C 271 4.84 -7.09 -26.15
C GLY C 271 4.70 -6.22 -24.89
N LYS C 272 5.63 -5.29 -24.68
CA LYS C 272 5.59 -4.32 -23.57
C LYS C 272 4.77 -3.10 -24.03
N LYS C 273 3.44 -3.23 -24.04
CA LYS C 273 2.52 -2.19 -24.57
C LYS C 273 2.54 -0.96 -23.65
N GLN C 274 2.18 0.20 -24.18
CA GLN C 274 2.05 1.42 -23.34
C GLN C 274 0.64 1.97 -23.50
N VAL C 275 -0.08 2.14 -22.41
CA VAL C 275 -1.39 2.84 -22.38
C VAL C 275 -1.32 3.87 -21.26
N PRO C 276 -1.50 5.16 -21.57
CA PRO C 276 -1.57 6.20 -20.55
C PRO C 276 -2.96 6.23 -19.94
N CYS C 277 -3.16 7.12 -18.97
CA CYS C 277 -4.51 7.44 -18.44
C CYS C 277 -4.53 8.87 -17.88
N PHE C 278 -5.74 9.36 -17.64
CA PHE C 278 -5.98 10.58 -16.85
C PHE C 278 -7.08 10.32 -15.83
N ALA C 279 -6.90 10.90 -14.66
CA ALA C 279 -7.88 10.94 -13.57
C ALA C 279 -8.41 12.37 -13.48
N SER C 280 -9.63 12.60 -13.97
CA SER C 280 -10.28 13.92 -13.94
C SER C 280 -11.10 14.09 -12.66
N MET C 281 -10.88 15.21 -11.98
CA MET C 281 -11.78 15.75 -10.94
C MET C 281 -12.28 17.12 -11.40
N LEU C 282 -12.20 17.39 -12.70
CA LEU C 282 -12.71 18.65 -13.31
C LEU C 282 -14.23 18.66 -13.20
N THR C 283 -14.81 19.86 -13.14
CA THR C 283 -16.26 20.11 -12.99
C THR C 283 -16.80 20.79 -14.24
N LYS C 284 -15.94 21.12 -15.22
CA LYS C 284 -16.37 21.86 -16.43
C LYS C 284 -15.50 21.49 -17.62
N LYS C 285 -15.97 21.82 -18.81
CA LYS C 285 -15.19 21.68 -20.06
C LYS C 285 -13.97 22.60 -19.93
N LEU C 286 -12.81 22.16 -20.39
CA LEU C 286 -11.54 22.93 -20.37
C LEU C 286 -11.03 23.13 -21.79
N HIS C 287 -10.88 24.38 -22.21
CA HIS C 287 -10.39 24.78 -23.55
C HIS C 287 -9.24 25.77 -23.41
N PHE C 288 -8.33 25.76 -24.37
CA PHE C 288 -7.19 26.69 -24.45
C PHE C 288 -7.28 27.47 -25.75
N PHE C 289 -8.46 28.05 -26.00
CA PHE C 289 -8.71 28.96 -27.16
C PHE C 289 -7.71 30.10 -27.12
N PRO C 290 -7.20 30.55 -28.29
CA PRO C 290 -6.24 31.66 -28.31
C PRO C 290 -6.81 32.87 -27.56
N LYS C 291 -6.00 33.51 -26.71
CA LYS C 291 -6.40 34.69 -25.92
C LYS C 291 -6.26 35.93 -26.81
N SER C 292 -7.19 36.89 -26.70
CA SER C 292 -7.14 38.21 -27.40
C SER C 292 -6.09 39.11 -26.74
N ASN C 293 -4.93 39.26 -27.40
CA ASN C 293 -3.72 39.96 -26.91
C ASN C 293 -3.62 41.37 -27.49
N GLU C 294 -4.29 41.66 -28.61
CA GLU C 294 -4.08 42.89 -29.43
C GLU C 294 -4.40 44.12 -28.57
N ASN C 295 -3.39 45.00 -28.36
CA ASN C 295 -3.46 46.28 -27.61
C ASN C 295 -3.79 46.02 -26.13
N LEU C 296 -3.23 44.95 -25.56
CA LEU C 296 -3.40 44.56 -24.13
C LEU C 296 -2.03 44.30 -23.50
N TYR C 297 -1.91 44.54 -22.19
CA TYR C 297 -0.74 44.15 -21.36
C TYR C 297 -1.03 42.76 -20.74
N PHE C 298 -0.35 41.72 -21.28
CA PHE C 298 -0.50 40.28 -20.91
C PHE C 298 0.76 39.74 -20.19
N GLN C 299 1.59 40.64 -19.61
CA GLN C 299 2.80 40.32 -18.79
C GLN C 299 2.49 40.52 -17.30
N MET D 30 -5.05 8.15 -41.90
CA MET D 30 -6.19 9.08 -42.03
C MET D 30 -6.75 9.38 -40.63
N PHE D 31 -5.99 10.04 -39.76
CA PHE D 31 -6.23 10.21 -38.29
C PHE D 31 -7.34 11.23 -38.01
N ASP D 32 -8.31 10.90 -37.15
CA ASP D 32 -9.53 11.69 -36.94
C ASP D 32 -9.62 12.11 -35.47
N PRO D 33 -9.55 13.42 -35.14
CA PRO D 33 -9.61 13.86 -33.75
C PRO D 33 -10.99 13.68 -33.09
N ALA D 34 -12.01 13.31 -33.87
CA ALA D 34 -13.40 13.19 -33.39
C ALA D 34 -13.86 11.72 -33.47
N GLU D 35 -12.92 10.78 -33.65
CA GLU D 35 -13.23 9.33 -33.74
C GLU D 35 -14.08 8.95 -32.53
N LYS D 36 -15.22 8.30 -32.81
CA LYS D 36 -16.15 7.73 -31.80
C LYS D 36 -15.97 6.21 -31.75
N TYR D 37 -16.15 5.60 -30.59
CA TYR D 37 -16.32 4.13 -30.50
C TYR D 37 -17.50 3.77 -31.42
N LYS D 38 -17.35 2.69 -32.17
CA LYS D 38 -18.37 2.10 -33.05
C LYS D 38 -19.53 1.63 -32.14
N MET D 39 -20.67 2.33 -32.17
CA MET D 39 -21.84 2.01 -31.30
C MET D 39 -23.07 1.66 -32.16
N ASP D 40 -22.87 0.91 -33.26
CA ASP D 40 -23.88 0.54 -34.29
C ASP D 40 -24.00 -1.00 -34.37
N HIS D 41 -23.69 -1.73 -33.30
CA HIS D 41 -23.94 -3.19 -33.19
C HIS D 41 -25.43 -3.44 -32.96
N ARG D 42 -25.86 -4.69 -33.07
CA ARG D 42 -27.29 -5.08 -32.98
C ARG D 42 -27.84 -4.63 -31.61
N ARG D 43 -27.17 -4.98 -30.50
CA ARG D 43 -27.63 -4.63 -29.12
C ARG D 43 -26.61 -3.71 -28.45
N ARG D 44 -27.04 -2.94 -27.46
CA ARG D 44 -26.15 -2.03 -26.69
C ARG D 44 -25.15 -2.86 -25.88
N GLY D 45 -25.67 -3.84 -25.12
CA GLY D 45 -24.88 -4.76 -24.29
C GLY D 45 -25.46 -4.92 -22.89
N ILE D 46 -24.72 -5.62 -22.02
CA ILE D 46 -25.19 -5.91 -20.64
C ILE D 46 -24.72 -4.80 -19.68
N ALA D 47 -25.57 -4.41 -18.73
CA ALA D 47 -25.20 -3.67 -17.50
C ALA D 47 -25.44 -4.57 -16.29
N LEU D 48 -24.38 -5.16 -15.74
CA LEU D 48 -24.41 -5.83 -14.42
C LEU D 48 -24.60 -4.78 -13.32
N ILE D 49 -25.44 -5.08 -12.34
CA ILE D 49 -25.52 -4.28 -11.08
C ILE D 49 -25.43 -5.26 -9.91
N PHE D 50 -24.34 -5.18 -9.16
CA PHE D 50 -24.17 -5.90 -7.87
C PHE D 50 -24.55 -4.95 -6.75
N ASN D 51 -25.63 -5.30 -6.05
CA ASN D 51 -26.29 -4.42 -5.07
C ASN D 51 -26.21 -5.08 -3.71
N HIS D 52 -25.54 -4.42 -2.75
CA HIS D 52 -25.20 -4.97 -1.41
C HIS D 52 -25.79 -4.05 -0.35
N GLU D 53 -26.80 -4.54 0.38
CA GLU D 53 -27.54 -3.82 1.44
C GLU D 53 -27.08 -4.29 2.82
N ARG D 54 -26.81 -5.60 2.99
CA ARG D 54 -26.55 -6.26 4.28
C ARG D 54 -25.29 -7.12 4.13
N PHE D 55 -24.65 -7.47 5.24
CA PHE D 55 -23.35 -8.17 5.24
C PHE D 55 -23.33 -9.24 6.35
N PHE D 56 -22.63 -10.33 6.08
CA PHE D 56 -22.29 -11.36 7.09
C PHE D 56 -21.97 -10.68 8.44
N TRP D 57 -22.51 -11.19 9.54
CA TRP D 57 -22.33 -10.60 10.89
C TRP D 57 -20.83 -10.28 11.12
N HIS D 58 -19.93 -11.26 10.93
CA HIS D 58 -18.52 -11.16 11.39
C HIS D 58 -17.69 -10.19 10.53
N LEU D 59 -18.33 -9.47 9.61
CA LEU D 59 -17.67 -8.37 8.85
C LEU D 59 -17.81 -7.04 9.59
N THR D 60 -18.79 -6.93 10.51
CA THR D 60 -19.05 -5.67 11.27
C THR D 60 -19.19 -4.52 10.28
N LEU D 61 -20.09 -4.66 9.30
CA LEU D 61 -20.37 -3.62 8.27
C LEU D 61 -21.84 -3.24 8.39
N PRO D 62 -22.16 -1.94 8.35
CA PRO D 62 -23.54 -1.47 8.49
C PRO D 62 -24.40 -1.74 7.26
N GLU D 63 -25.70 -1.91 7.46
CA GLU D 63 -26.72 -1.88 6.38
C GLU D 63 -26.48 -0.63 5.53
N ARG D 64 -26.75 -0.71 4.23
CA ARG D 64 -26.65 0.43 3.29
C ARG D 64 -28.08 0.79 2.88
N ARG D 65 -28.90 1.22 3.84
CA ARG D 65 -30.31 1.61 3.61
C ARG D 65 -30.33 2.70 2.52
N GLY D 66 -31.03 2.45 1.42
CA GLY D 66 -31.11 3.39 0.26
C GLY D 66 -30.52 2.79 -1.00
N THR D 67 -29.69 1.75 -0.88
CA THR D 67 -28.96 1.19 -2.05
C THR D 67 -29.98 0.67 -3.08
N CYS D 68 -31.16 0.23 -2.63
CA CYS D 68 -32.22 -0.27 -3.55
C CYS D 68 -32.73 0.88 -4.41
N ALA D 69 -32.82 2.11 -3.89
CA ALA D 69 -33.19 3.27 -4.72
C ALA D 69 -32.15 3.40 -5.84
N ASP D 70 -30.87 3.26 -5.49
CA ASP D 70 -29.73 3.39 -6.44
C ASP D 70 -29.90 2.31 -7.52
N ARG D 71 -30.13 1.06 -7.12
CA ARG D 71 -30.29 -0.10 -8.04
C ARG D 71 -31.46 0.19 -9.01
N ASP D 72 -32.57 0.69 -8.52
CA ASP D 72 -33.81 0.85 -9.34
C ASP D 72 -33.61 2.01 -10.31
N ASN D 73 -32.98 3.09 -9.84
CA ASN D 73 -32.67 4.32 -10.62
C ASN D 73 -31.69 3.96 -11.75
N LEU D 74 -30.61 3.26 -11.41
CA LEU D 74 -29.58 2.82 -12.38
C LEU D 74 -30.26 1.89 -13.39
N THR D 75 -31.10 0.97 -12.92
CA THR D 75 -31.75 -0.03 -13.80
C THR D 75 -32.59 0.71 -14.84
N ARG D 76 -33.37 1.69 -14.42
CA ARG D 76 -34.26 2.44 -15.34
C ARG D 76 -33.38 3.19 -16.36
N ARG D 77 -32.37 3.92 -15.92
CA ARG D 77 -31.61 4.86 -16.78
C ARG D 77 -30.79 4.09 -17.81
N PHE D 78 -30.23 2.96 -17.41
CA PHE D 78 -29.39 2.12 -18.30
C PHE D 78 -30.31 1.35 -19.27
N SER D 79 -31.49 0.93 -18.81
CA SER D 79 -32.52 0.31 -19.70
C SER D 79 -32.86 1.30 -20.83
N ASP D 80 -33.16 2.55 -20.51
CA ASP D 80 -33.58 3.58 -21.50
C ASP D 80 -32.45 3.85 -22.50
N LEU D 81 -31.19 3.54 -22.17
CA LEU D 81 -30.07 3.71 -23.15
C LEU D 81 -29.82 2.40 -23.90
N GLY D 82 -30.68 1.40 -23.69
CA GLY D 82 -30.70 0.16 -24.51
C GLY D 82 -29.97 -1.01 -23.87
N PHE D 83 -29.52 -0.89 -22.62
CA PHE D 83 -28.80 -1.99 -21.93
C PHE D 83 -29.82 -3.05 -21.51
N GLU D 84 -29.43 -4.31 -21.63
CA GLU D 84 -30.02 -5.46 -20.89
C GLU D 84 -29.46 -5.36 -19.46
N VAL D 85 -30.23 -4.88 -18.50
CA VAL D 85 -29.75 -4.72 -17.09
C VAL D 85 -29.96 -6.02 -16.33
N LYS D 86 -28.92 -6.58 -15.74
CA LYS D 86 -29.02 -7.77 -14.86
C LYS D 86 -28.57 -7.37 -13.45
N CYS D 87 -29.50 -7.31 -12.48
CA CYS D 87 -29.25 -6.98 -11.04
C CYS D 87 -29.06 -8.25 -10.22
N PHE D 88 -28.18 -8.21 -9.21
CA PHE D 88 -27.98 -9.31 -8.23
C PHE D 88 -27.79 -8.72 -6.83
N ASN D 89 -28.60 -9.22 -5.89
CA ASN D 89 -28.71 -8.68 -4.51
C ASN D 89 -27.92 -9.58 -3.55
N ASP D 90 -27.00 -8.99 -2.81
CA ASP D 90 -26.31 -9.59 -1.63
C ASP D 90 -25.71 -10.97 -1.97
N LEU D 91 -25.04 -11.10 -3.12
CA LEU D 91 -24.33 -12.35 -3.49
C LEU D 91 -23.12 -12.52 -2.57
N LYS D 92 -22.89 -13.75 -2.11
CA LYS D 92 -21.63 -14.18 -1.45
C LYS D 92 -20.54 -14.17 -2.54
N ALA D 93 -19.27 -14.19 -2.14
CA ALA D 93 -18.13 -14.01 -3.06
C ALA D 93 -18.17 -15.06 -4.17
N GLU D 94 -18.36 -16.33 -3.81
CA GLU D 94 -18.38 -17.44 -4.80
C GLU D 94 -19.44 -17.18 -5.87
N GLU D 95 -20.65 -16.80 -5.48
CA GLU D 95 -21.79 -16.61 -6.41
C GLU D 95 -21.46 -15.43 -7.34
N LEU D 96 -20.88 -14.37 -6.78
CA LEU D 96 -20.58 -13.12 -7.53
C LEU D 96 -19.54 -13.45 -8.59
N LEU D 97 -18.45 -14.08 -8.17
CA LEU D 97 -17.39 -14.52 -9.11
C LEU D 97 -18.02 -15.42 -10.20
N LEU D 98 -18.88 -16.38 -9.84
CA LEU D 98 -19.56 -17.23 -10.85
C LEU D 98 -20.34 -16.34 -11.82
N LYS D 99 -21.18 -15.42 -11.33
CA LYS D 99 -22.09 -14.69 -12.24
C LYS D 99 -21.21 -13.82 -13.15
N ILE D 100 -20.18 -13.20 -12.61
CA ILE D 100 -19.42 -12.20 -13.41
C ILE D 100 -18.52 -12.96 -14.38
N HIS D 101 -18.00 -14.11 -14.00
CA HIS D 101 -17.20 -14.99 -14.90
C HIS D 101 -18.10 -15.49 -16.05
N GLU D 102 -19.29 -15.99 -15.75
CA GLU D 102 -20.34 -16.36 -16.74
C GLU D 102 -20.41 -15.25 -17.79
N VAL D 103 -20.74 -14.02 -17.36
CA VAL D 103 -20.96 -12.86 -18.26
C VAL D 103 -19.69 -12.59 -19.06
N SER D 104 -18.52 -12.86 -18.49
CA SER D 104 -17.22 -12.53 -19.14
C SER D 104 -16.93 -13.51 -20.30
N THR D 105 -17.50 -14.71 -20.27
CA THR D 105 -17.13 -15.83 -21.20
C THR D 105 -18.25 -16.10 -22.22
N VAL D 106 -19.47 -15.62 -21.99
CA VAL D 106 -20.52 -15.44 -23.03
C VAL D 106 -19.95 -14.51 -24.11
N SER D 107 -20.54 -14.48 -25.30
CA SER D 107 -20.11 -13.61 -26.44
C SER D 107 -20.78 -12.24 -26.34
N HIS D 108 -19.99 -11.17 -26.51
CA HIS D 108 -20.48 -9.76 -26.64
C HIS D 108 -20.25 -9.28 -28.07
N ALA D 109 -19.99 -10.20 -29.00
CA ALA D 109 -19.60 -9.88 -30.39
C ALA D 109 -20.61 -8.90 -31.01
N ASP D 110 -21.91 -9.04 -30.71
CA ASP D 110 -23.00 -8.23 -31.31
C ASP D 110 -23.37 -7.07 -30.38
N ALA D 111 -22.46 -6.65 -29.49
CA ALA D 111 -22.73 -5.62 -28.45
C ALA D 111 -21.80 -4.42 -28.63
N ASP D 112 -22.32 -3.25 -28.30
CA ASP D 112 -21.59 -1.96 -28.30
C ASP D 112 -20.54 -1.95 -27.19
N CYS D 113 -20.91 -2.35 -25.98
CA CYS D 113 -20.07 -2.15 -24.79
C CYS D 113 -20.54 -3.02 -23.62
N PHE D 114 -19.91 -2.84 -22.48
CA PHE D 114 -20.22 -3.52 -21.20
C PHE D 114 -20.16 -2.50 -20.07
N VAL D 115 -21.17 -2.51 -19.21
CA VAL D 115 -21.25 -1.69 -17.98
C VAL D 115 -21.36 -2.65 -16.79
N CYS D 116 -20.63 -2.37 -15.73
CA CYS D 116 -20.68 -3.15 -14.47
C CYS D 116 -20.69 -2.16 -13.31
N VAL D 117 -21.67 -2.28 -12.42
CA VAL D 117 -21.84 -1.36 -11.26
C VAL D 117 -21.71 -2.15 -9.95
N PHE D 118 -20.95 -1.63 -9.00
CA PHE D 118 -20.85 -2.12 -7.61
C PHE D 118 -21.41 -1.07 -6.65
N LEU D 119 -22.44 -1.45 -5.90
CA LEU D 119 -23.04 -0.69 -4.79
C LEU D 119 -22.77 -1.51 -3.53
N SER D 120 -21.71 -1.18 -2.80
CA SER D 120 -21.30 -1.92 -1.59
C SER D 120 -20.39 -1.06 -0.73
N HIS D 121 -19.77 -1.69 0.25
CA HIS D 121 -18.60 -1.13 0.96
C HIS D 121 -17.35 -1.55 0.19
N GLY D 122 -16.25 -0.84 0.39
CA GLY D 122 -14.93 -1.21 -0.17
C GLY D 122 -13.81 -0.74 0.72
N GLU D 123 -12.59 -1.17 0.40
CA GLU D 123 -11.33 -0.79 1.08
C GLU D 123 -10.22 -1.01 0.04
N GLY D 124 -9.44 0.02 -0.27
CA GLY D 124 -8.23 -0.05 -1.11
C GLY D 124 -8.54 -0.63 -2.48
N ASN D 125 -8.04 -1.84 -2.75
CA ASN D 125 -8.20 -2.54 -4.05
C ASN D 125 -9.47 -3.40 -4.07
N HIS D 126 -10.30 -3.33 -3.05
CA HIS D 126 -11.33 -4.37 -2.77
C HIS D 126 -12.72 -3.75 -2.73
N ILE D 127 -13.69 -4.51 -3.23
CA ILE D 127 -15.15 -4.30 -3.03
C ILE D 127 -15.60 -5.40 -2.07
N TYR D 128 -16.66 -5.17 -1.30
CA TYR D 128 -17.24 -6.21 -0.41
C TYR D 128 -18.42 -6.88 -1.12
N ALA D 129 -18.34 -8.20 -1.24
CA ALA D 129 -19.50 -9.11 -1.38
C ALA D 129 -20.15 -9.23 0.00
N TYR D 130 -21.18 -10.06 0.15
CA TYR D 130 -21.92 -10.24 1.42
C TYR D 130 -20.97 -10.76 2.51
N ASP D 131 -20.02 -11.61 2.12
CA ASP D 131 -19.29 -12.45 3.11
C ASP D 131 -17.79 -12.15 3.14
N ALA D 132 -17.24 -11.45 2.16
CA ALA D 132 -15.78 -11.26 2.02
C ALA D 132 -15.48 -10.23 0.93
N LYS D 133 -14.23 -9.77 0.91
CA LYS D 133 -13.79 -8.78 -0.11
C LYS D 133 -13.21 -9.51 -1.32
N ILE D 134 -13.31 -8.84 -2.46
CA ILE D 134 -12.80 -9.31 -3.77
C ILE D 134 -11.92 -8.21 -4.37
N GLU D 135 -10.76 -8.56 -4.92
CA GLU D 135 -9.90 -7.61 -5.66
C GLU D 135 -10.68 -7.09 -6.86
N ILE D 136 -10.82 -5.79 -6.99
CA ILE D 136 -11.39 -5.10 -8.18
C ILE D 136 -10.63 -5.55 -9.45
N GLN D 137 -9.30 -5.68 -9.39
CA GLN D 137 -8.45 -6.07 -10.54
C GLN D 137 -8.92 -7.39 -11.14
N THR D 138 -9.38 -8.34 -10.32
CA THR D 138 -9.77 -9.67 -10.83
C THR D 138 -11.17 -9.58 -11.45
N LEU D 139 -12.01 -8.64 -11.02
CA LEU D 139 -13.33 -8.42 -11.68
C LEU D 139 -13.09 -7.72 -13.02
N THR D 140 -12.29 -6.65 -13.08
CA THR D 140 -12.04 -5.90 -14.33
C THR D 140 -11.20 -6.77 -15.26
N GLY D 141 -10.31 -7.59 -14.70
CA GLY D 141 -9.39 -8.48 -15.44
C GLY D 141 -10.11 -9.44 -16.37
N LEU D 142 -11.31 -9.88 -15.99
CA LEU D 142 -12.09 -10.87 -16.77
C LEU D 142 -12.47 -10.27 -18.13
N PHE D 143 -12.50 -8.94 -18.26
CA PHE D 143 -12.96 -8.24 -19.48
C PHE D 143 -11.79 -7.62 -20.27
N LYS D 144 -10.55 -7.84 -19.85
CA LYS D 144 -9.32 -7.39 -20.55
C LYS D 144 -9.23 -8.15 -21.88
N GLY D 145 -8.74 -7.47 -22.92
CA GLY D 145 -8.53 -8.02 -24.26
C GLY D 145 -8.22 -9.52 -24.26
N ASP D 146 -7.15 -9.92 -23.57
CA ASP D 146 -6.71 -11.34 -23.53
C ASP D 146 -7.92 -12.25 -23.35
N LYS D 147 -8.75 -11.97 -22.33
CA LYS D 147 -9.67 -12.94 -21.68
C LYS D 147 -11.09 -12.79 -22.22
N CYS D 148 -11.42 -11.72 -22.94
CA CYS D 148 -12.78 -11.47 -23.46
C CYS D 148 -12.71 -10.85 -24.85
N HIS D 149 -12.44 -11.68 -25.87
CA HIS D 149 -12.09 -11.23 -27.24
C HIS D 149 -13.23 -10.33 -27.79
N SER D 150 -14.48 -10.70 -27.53
CA SER D 150 -15.71 -10.03 -28.04
C SER D 150 -15.85 -8.57 -27.56
N LEU D 151 -15.06 -8.11 -26.58
CA LEU D 151 -15.15 -6.72 -26.04
C LEU D 151 -13.89 -5.92 -26.37
N VAL D 152 -12.87 -6.55 -26.97
CA VAL D 152 -11.62 -5.85 -27.39
C VAL D 152 -12.02 -4.62 -28.22
N GLY D 153 -11.45 -3.45 -27.89
CA GLY D 153 -11.67 -2.20 -28.65
C GLY D 153 -13.05 -1.62 -28.42
N LYS D 154 -13.82 -2.18 -27.48
CA LYS D 154 -15.15 -1.65 -27.06
C LYS D 154 -15.06 -1.12 -25.63
N PRO D 155 -15.80 -0.04 -25.30
CA PRO D 155 -15.76 0.52 -23.96
C PRO D 155 -16.21 -0.48 -22.88
N LYS D 156 -15.46 -0.56 -21.78
CA LYS D 156 -15.80 -1.36 -20.59
C LYS D 156 -15.86 -0.40 -19.40
N ILE D 157 -17.06 -0.14 -18.90
CA ILE D 157 -17.34 0.98 -17.95
C ILE D 157 -17.71 0.37 -16.61
N PHE D 158 -16.91 0.64 -15.58
CA PHE D 158 -17.22 0.24 -14.19
C PHE D 158 -17.55 1.50 -13.38
N ILE D 159 -18.66 1.43 -12.67
CA ILE D 159 -19.15 2.49 -11.76
C ILE D 159 -19.16 1.92 -10.34
N ILE D 160 -18.50 2.58 -9.40
CA ILE D 160 -18.23 2.03 -8.06
C ILE D 160 -18.64 3.05 -7.00
N GLN D 161 -19.75 2.74 -6.34
CA GLN D 161 -20.26 3.47 -5.17
C GLN D 161 -19.90 2.57 -3.99
N ALA D 162 -18.73 2.80 -3.42
CA ALA D 162 -18.18 2.00 -2.32
C ALA D 162 -17.23 2.85 -1.50
N ALA D 163 -17.39 2.76 -0.18
CA ALA D 163 -16.62 3.51 0.82
C ALA D 163 -16.50 2.66 2.09
N ARG D 164 -16.01 3.24 3.19
CA ARG D 164 -15.74 2.55 4.49
C ARG D 164 -17.04 2.54 5.30
N GLY D 165 -17.53 1.38 5.71
CA GLY D 165 -18.68 1.33 6.61
C GLY D 165 -18.32 1.75 8.02
N ASN D 166 -18.84 2.90 8.48
CA ASN D 166 -18.46 3.57 9.77
C ASN D 166 -19.09 2.85 10.98
N GLN D 167 -20.38 2.51 10.90
CA GLN D 167 -21.28 2.17 12.05
C GLN D 167 -21.77 3.48 12.69
N THR D 187 -37.20 9.67 8.95
CA THR D 187 -37.50 8.76 7.80
C THR D 187 -36.27 8.71 6.88
N ASN D 188 -35.95 9.81 6.18
CA ASN D 188 -34.86 9.94 5.17
C ASN D 188 -33.66 10.64 5.82
N ILE D 189 -32.80 9.88 6.51
CA ILE D 189 -31.51 10.37 7.10
C ILE D 189 -30.45 10.34 6.00
N THR D 190 -29.46 11.24 6.08
CA THR D 190 -28.27 11.24 5.20
C THR D 190 -27.09 10.60 5.95
N GLU D 191 -26.63 9.42 5.53
CA GLU D 191 -25.48 8.71 6.14
C GLU D 191 -24.22 9.09 5.36
N VAL D 192 -23.09 9.23 6.04
CA VAL D 192 -21.83 9.68 5.41
C VAL D 192 -20.68 8.70 5.72
N ASP D 193 -19.97 8.26 4.68
CA ASP D 193 -18.84 7.31 4.75
C ASP D 193 -17.56 8.04 4.31
N ALA D 194 -16.42 7.66 4.89
CA ALA D 194 -15.11 8.14 4.42
C ALA D 194 -14.75 7.42 3.12
N ALA D 195 -14.16 8.12 2.16
CA ALA D 195 -13.55 7.50 0.96
C ALA D 195 -12.59 6.40 1.41
N SER D 196 -12.56 5.27 0.72
CA SER D 196 -11.69 4.13 1.08
C SER D 196 -11.16 3.38 -0.15
N VAL D 197 -11.87 3.41 -1.28
CA VAL D 197 -11.53 2.60 -2.49
C VAL D 197 -10.63 3.44 -3.40
N TYR D 198 -9.46 2.90 -3.70
CA TYR D 198 -8.46 3.49 -4.62
C TYR D 198 -9.11 3.73 -5.99
N THR D 199 -8.96 4.95 -6.51
CA THR D 199 -9.57 5.42 -7.78
C THR D 199 -8.69 4.99 -8.97
N LEU D 200 -8.60 3.70 -9.23
CA LEU D 200 -7.62 3.12 -10.18
C LEU D 200 -8.16 3.14 -11.61
N PRO D 201 -7.28 3.15 -12.61
CA PRO D 201 -7.65 2.82 -13.98
C PRO D 201 -7.67 1.28 -14.08
N ALA D 202 -7.85 0.70 -15.25
CA ALA D 202 -8.13 -0.74 -15.38
C ALA D 202 -7.58 -1.35 -16.67
N GLY D 203 -7.21 -0.57 -17.68
CA GLY D 203 -6.69 -1.10 -18.95
C GLY D 203 -7.30 -0.44 -20.17
N ALA D 204 -6.68 -0.63 -21.33
CA ALA D 204 -7.14 -0.05 -22.59
C ALA D 204 -8.66 -0.22 -22.71
N ASP D 205 -9.35 0.90 -22.90
CA ASP D 205 -10.78 0.97 -23.29
C ASP D 205 -11.67 0.73 -22.07
N PHE D 206 -11.10 0.71 -20.87
CA PHE D 206 -11.87 0.81 -19.61
C PHE D 206 -12.06 2.28 -19.20
N LEU D 207 -13.21 2.56 -18.57
CA LEU D 207 -13.53 3.82 -17.88
C LEU D 207 -13.97 3.45 -16.45
N MET D 208 -13.17 3.79 -15.46
CA MET D 208 -13.49 3.51 -14.03
C MET D 208 -14.06 4.77 -13.41
N CYS D 209 -15.28 4.71 -12.90
CA CYS D 209 -16.06 5.84 -12.34
C CYS D 209 -16.27 5.61 -10.84
N TYR D 210 -15.90 6.59 -10.01
CA TYR D 210 -15.87 6.46 -8.53
C TYR D 210 -16.75 7.55 -7.88
N SER D 211 -17.63 7.14 -6.97
CA SER D 211 -18.50 8.02 -6.13
C SER D 211 -17.69 9.11 -5.43
N VAL D 212 -16.48 8.79 -4.99
CA VAL D 212 -15.69 9.69 -4.10
C VAL D 212 -14.19 9.45 -4.25
N ALA D 213 -13.42 10.51 -4.09
CA ALA D 213 -11.94 10.51 -4.21
C ALA D 213 -11.30 10.52 -2.82
N GLU D 214 -9.99 10.22 -2.73
CA GLU D 214 -9.23 10.25 -1.46
C GLU D 214 -9.49 11.59 -0.75
N GLY D 215 -9.75 11.53 0.56
CA GLY D 215 -9.91 12.70 1.43
C GLY D 215 -11.31 13.30 1.39
N TYR D 216 -12.21 12.82 0.53
CA TYR D 216 -13.61 13.31 0.49
C TYR D 216 -14.51 12.26 1.15
N TYR D 217 -15.82 12.54 1.20
CA TYR D 217 -16.80 11.68 1.91
C TYR D 217 -17.97 11.38 0.98
N SER D 218 -18.52 10.18 1.06
CA SER D 218 -19.64 9.70 0.22
C SER D 218 -20.92 9.74 1.06
N HIS D 219 -22.02 10.19 0.46
CA HIS D 219 -23.33 10.44 1.11
C HIS D 219 -24.40 9.48 0.56
N ARG D 220 -25.22 8.89 1.43
CA ARG D 220 -26.40 8.09 1.04
C ARG D 220 -27.59 8.51 1.89
N GLU D 221 -28.65 8.99 1.22
CA GLU D 221 -29.99 9.28 1.79
C GLU D 221 -30.69 7.92 1.87
N THR D 222 -31.32 7.58 3.00
CA THR D 222 -31.82 6.21 3.28
C THR D 222 -33.03 5.89 2.42
N VAL D 223 -33.68 6.88 1.80
CA VAL D 223 -34.82 6.68 0.87
C VAL D 223 -34.41 7.06 -0.54
N ASN D 224 -33.79 8.23 -0.72
CA ASN D 224 -33.47 8.79 -2.07
C ASN D 224 -32.24 8.12 -2.69
N GLY D 225 -31.37 7.53 -1.88
CA GLY D 225 -30.14 6.86 -2.35
C GLY D 225 -28.91 7.77 -2.34
N SER D 226 -27.81 7.25 -2.88
CA SER D 226 -26.46 7.86 -2.87
C SER D 226 -26.47 9.15 -3.69
N TRP D 227 -25.84 10.21 -3.16
CA TRP D 227 -25.70 11.50 -3.88
C TRP D 227 -25.13 11.23 -5.28
N TYR D 228 -24.07 10.43 -5.36
CA TYR D 228 -23.34 10.19 -6.63
C TYR D 228 -24.33 9.59 -7.63
N ILE D 229 -25.10 8.60 -7.19
CA ILE D 229 -25.93 7.81 -8.12
C ILE D 229 -27.19 8.61 -8.49
N GLN D 230 -27.72 9.40 -7.57
CA GLN D 230 -28.84 10.32 -7.87
C GLN D 230 -28.39 11.22 -9.02
N ASP D 231 -27.23 11.85 -8.88
CA ASP D 231 -26.76 12.87 -9.85
C ASP D 231 -26.37 12.17 -11.15
N LEU D 232 -25.72 11.01 -11.08
CA LEU D 232 -25.40 10.24 -12.31
C LEU D 232 -26.72 9.98 -13.05
N CYS D 233 -27.71 9.44 -12.35
CA CYS D 233 -28.99 9.00 -12.96
C CYS D 233 -29.74 10.23 -13.52
N GLU D 234 -29.73 11.36 -12.81
CA GLU D 234 -30.36 12.60 -13.32
C GLU D 234 -29.70 12.98 -14.65
N MET D 235 -28.37 12.96 -14.71
CA MET D 235 -27.62 13.36 -15.94
C MET D 235 -27.86 12.33 -17.05
N LEU D 236 -27.95 11.03 -16.73
CA LEU D 236 -28.26 10.00 -17.75
C LEU D 236 -29.62 10.29 -18.37
N GLY D 237 -30.63 10.57 -17.52
CA GLY D 237 -31.99 10.90 -17.99
C GLY D 237 -31.99 12.11 -18.94
N LYS D 238 -31.48 13.24 -18.48
CA LYS D 238 -31.47 14.48 -19.30
C LYS D 238 -30.55 14.31 -20.53
N TYR D 239 -29.36 13.71 -20.40
CA TYR D 239 -28.28 13.90 -21.40
C TYR D 239 -27.62 12.60 -21.88
N GLY D 240 -27.92 11.45 -21.27
CA GLY D 240 -27.30 10.16 -21.61
C GLY D 240 -27.22 9.94 -23.12
N SER D 241 -28.31 10.26 -23.84
CA SER D 241 -28.52 9.90 -25.25
C SER D 241 -27.89 10.92 -26.21
N SER D 242 -27.29 12.00 -25.72
CA SER D 242 -26.71 13.08 -26.56
C SER D 242 -25.23 13.31 -26.24
N LEU D 243 -24.88 13.49 -24.96
CA LEU D 243 -23.54 13.95 -24.53
C LEU D 243 -22.54 12.78 -24.57
N GLU D 244 -21.29 13.11 -24.89
CA GLU D 244 -20.13 12.18 -24.71
C GLU D 244 -20.06 11.79 -23.24
N PHE D 245 -19.77 10.54 -22.93
CA PHE D 245 -20.02 10.00 -21.58
C PHE D 245 -19.08 10.64 -20.55
N THR D 246 -17.83 10.95 -20.91
CA THR D 246 -16.88 11.63 -19.99
C THR D 246 -17.37 13.06 -19.75
N GLU D 247 -18.00 13.72 -20.75
CA GLU D 247 -18.61 15.07 -20.57
C GLU D 247 -19.69 14.97 -19.49
N LEU D 248 -20.48 13.92 -19.56
CA LEU D 248 -21.60 13.66 -18.64
C LEU D 248 -21.03 13.45 -17.23
N LEU D 249 -20.03 12.59 -17.10
CA LEU D 249 -19.39 12.28 -15.79
C LEU D 249 -18.82 13.57 -15.17
N THR D 250 -18.37 14.50 -16.00
CA THR D 250 -17.83 15.83 -15.58
C THR D 250 -18.99 16.65 -14.99
N LEU D 251 -20.16 16.65 -15.65
CA LEU D 251 -21.41 17.22 -15.08
C LEU D 251 -21.65 16.61 -13.70
N VAL D 252 -21.51 15.29 -13.58
CA VAL D 252 -21.76 14.61 -12.28
C VAL D 252 -20.75 15.09 -11.24
N ASN D 253 -19.51 15.31 -11.63
CA ASN D 253 -18.47 15.87 -10.73
C ASN D 253 -18.96 17.24 -10.24
N ARG D 254 -19.44 18.09 -11.12
CA ARG D 254 -19.92 19.43 -10.73
C ARG D 254 -21.12 19.27 -9.78
N LYS D 255 -22.15 18.52 -10.18
CA LYS D 255 -23.40 18.39 -9.39
C LYS D 255 -23.04 17.98 -7.97
N VAL D 256 -22.24 16.93 -7.81
CA VAL D 256 -21.94 16.34 -6.47
C VAL D 256 -21.08 17.31 -5.66
N SER D 257 -20.08 17.95 -6.30
CA SER D 257 -19.18 18.98 -5.72
C SER D 257 -19.97 20.09 -5.06
N GLN D 258 -20.99 20.55 -5.78
CA GLN D 258 -21.84 21.74 -5.46
C GLN D 258 -22.85 21.43 -4.35
N ARG D 259 -23.13 20.17 -4.01
CA ARG D 259 -24.02 19.83 -2.88
C ARG D 259 -23.41 20.37 -1.59
N ARG D 260 -24.17 21.17 -0.85
CA ARG D 260 -23.70 21.97 0.31
C ARG D 260 -23.76 21.08 1.55
N VAL D 261 -22.81 21.26 2.46
CA VAL D 261 -22.57 20.34 3.60
C VAL D 261 -22.23 21.17 4.86
N ASP D 262 -22.75 22.40 4.94
CA ASP D 262 -22.50 23.36 6.06
C ASP D 262 -23.67 23.34 7.05
N PHE D 263 -24.92 23.12 6.59
CA PHE D 263 -26.13 23.09 7.44
C PHE D 263 -26.71 21.67 7.45
N CYS D 264 -26.19 20.79 8.32
CA CYS D 264 -26.54 19.35 8.42
C CYS D 264 -27.21 19.03 9.76
N LYS D 265 -28.23 18.15 9.75
CA LYS D 265 -28.93 17.66 10.96
C LYS D 265 -27.90 17.05 11.94
N ASP D 266 -26.99 16.21 11.45
CA ASP D 266 -25.85 15.72 12.27
C ASP D 266 -24.77 16.81 12.26
N PRO D 267 -24.33 17.34 13.42
CA PRO D 267 -23.22 18.29 13.45
C PRO D 267 -21.90 17.74 12.89
N SER D 268 -21.56 16.49 13.22
CA SER D 268 -20.27 15.81 12.86
C SER D 268 -20.16 15.60 11.35
N ALA D 269 -21.26 15.73 10.59
CA ALA D 269 -21.31 15.55 9.12
C ALA D 269 -20.98 16.87 8.37
N ILE D 270 -20.69 17.95 9.10
CA ILE D 270 -20.50 19.33 8.52
C ILE D 270 -19.09 19.42 7.92
N GLY D 271 -18.97 20.02 6.73
CA GLY D 271 -17.69 20.21 6.00
C GLY D 271 -17.14 18.92 5.41
N LYS D 272 -17.94 17.85 5.41
CA LYS D 272 -17.58 16.55 4.78
C LYS D 272 -17.99 16.61 3.31
N LYS D 273 -17.21 17.29 2.47
CA LYS D 273 -17.52 17.53 1.03
C LYS D 273 -17.45 16.21 0.25
N GLN D 274 -18.15 16.13 -0.87
CA GLN D 274 -18.04 14.94 -1.76
C GLN D 274 -17.62 15.39 -3.13
N VAL D 275 -16.52 14.85 -3.64
CA VAL D 275 -16.06 15.04 -5.05
C VAL D 275 -15.81 13.66 -5.63
N PRO D 276 -16.51 13.27 -6.72
CA PRO D 276 -16.24 12.02 -7.39
C PRO D 276 -15.07 12.21 -8.35
N CYS D 277 -14.68 11.14 -9.02
CA CYS D 277 -13.71 11.20 -10.14
C CYS D 277 -13.95 10.05 -11.12
N PHE D 278 -13.32 10.16 -12.29
CA PHE D 278 -13.20 9.05 -13.26
C PHE D 278 -11.76 8.95 -13.73
N ALA D 279 -11.31 7.71 -13.91
CA ALA D 279 -10.03 7.37 -14.52
C ALA D 279 -10.30 6.79 -15.90
N SER D 280 -10.07 7.56 -16.95
CA SER D 280 -10.29 7.13 -18.35
C SER D 280 -9.03 6.48 -18.92
N MET D 281 -9.20 5.31 -19.51
CA MET D 281 -8.22 4.67 -20.41
CA MET D 281 -8.18 4.76 -20.45
C MET D 281 -8.88 4.50 -21.79
N LEU D 282 -9.96 5.26 -22.05
CA LEU D 282 -10.67 5.24 -23.35
C LEU D 282 -9.75 5.85 -24.40
N THR D 283 -9.94 5.43 -25.65
CA THR D 283 -9.13 5.85 -26.82
C THR D 283 -10.01 6.62 -27.79
N LYS D 284 -11.32 6.75 -27.52
CA LYS D 284 -12.25 7.41 -28.46
C LYS D 284 -13.39 8.05 -27.70
N LYS D 285 -14.12 8.95 -28.38
CA LYS D 285 -15.36 9.56 -27.86
C LYS D 285 -16.37 8.42 -27.67
N LEU D 286 -17.15 8.46 -26.60
CA LEU D 286 -18.17 7.45 -26.24
C LEU D 286 -19.54 8.12 -26.16
N HIS D 287 -20.48 7.68 -26.99
CA HIS D 287 -21.86 8.19 -27.05
C HIS D 287 -22.85 7.04 -26.92
N PHE D 288 -24.02 7.32 -26.36
CA PHE D 288 -25.15 6.36 -26.24
C PHE D 288 -26.34 6.91 -27.01
N PHE D 289 -26.12 7.32 -28.26
CA PHE D 289 -27.17 7.76 -29.21
C PHE D 289 -28.23 6.67 -29.32
N PRO D 290 -29.53 7.02 -29.41
CA PRO D 290 -30.59 6.02 -29.53
C PRO D 290 -30.30 5.07 -30.69
N LYS D 291 -30.46 3.75 -30.47
CA LYS D 291 -30.25 2.73 -31.53
C LYS D 291 -31.51 2.64 -32.39
N SER D 292 -31.37 2.48 -33.71
CA SER D 292 -32.48 2.25 -34.67
C SER D 292 -33.00 0.80 -34.52
N ASN D 293 -34.17 0.67 -33.88
CA ASN D 293 -34.84 -0.60 -33.50
C ASN D 293 -35.95 -0.97 -34.52
N GLU D 294 -36.42 -0.01 -35.31
CA GLU D 294 -37.57 -0.13 -36.24
C GLU D 294 -37.34 -1.31 -37.20
N ASN D 295 -38.21 -2.34 -37.13
CA ASN D 295 -38.23 -3.55 -38.01
C ASN D 295 -36.95 -4.39 -37.82
N LEU D 296 -36.41 -4.46 -36.59
CA LEU D 296 -35.14 -5.17 -36.27
C LEU D 296 -35.35 -6.09 -35.06
N TYR D 297 -34.62 -7.21 -35.03
CA TYR D 297 -34.51 -8.14 -33.88
C TYR D 297 -33.30 -7.72 -33.04
N PHE D 298 -33.55 -7.10 -31.86
CA PHE D 298 -32.55 -6.54 -30.91
C PHE D 298 -32.50 -7.35 -29.60
N GLN D 299 -32.98 -8.61 -29.60
CA GLN D 299 -32.94 -9.60 -28.47
C GLN D 299 -31.83 -10.63 -28.71
#